data_4OFP
#
_entry.id   4OFP
#
_cell.length_a   121.240
_cell.length_b   121.240
_cell.length_c   178.160
_cell.angle_alpha   90.00
_cell.angle_beta   90.00
_cell.angle_gamma   90.00
#
_symmetry.space_group_name_H-M   'P 43 21 2'
#
loop_
_entity.id
_entity.type
_entity.pdbx_description
1 polymer 'Protein SYG-2'
2 non-polymer 2-acetamido-2-deoxy-beta-D-glucopyranose
#
_entity_poly.entity_id   1
_entity_poly.type   'polypeptide(L)'
_entity_poly.pdbx_seq_one_letter_code
;ADPPSDPTVEILRNPSALRSGDNVTIACSVTGGNPPPDVFWYHENKRLQSHSTLDTRSKEIKNIYSFIASQNDNMAEYEC
RANNSRTGNPKRKAMKLEVNYPPASVELFGESNIRYGSSANIQCKSLPSNPASQITWIINGRSVPTPTQREFVVENGIVS
SSNVSVHSNELSVEAHQINVECMATNPEGSSAKQHVIKIIAPHHHHHH
;
_entity_poly.pdbx_strand_id   A,B,C,D
#
loop_
_chem_comp.id
_chem_comp.type
_chem_comp.name
_chem_comp.formula
NAG D-saccharide, beta linking 2-acetamido-2-deoxy-beta-D-glucopyranose 'C8 H15 N O6'
#
# COMPACT_ATOMS: atom_id res chain seq x y z
N ASP A 2 -21.57 48.08 13.62
CA ASP A 2 -21.22 47.73 14.99
C ASP A 2 -20.34 46.48 15.01
N PRO A 3 -19.66 46.22 16.15
CA PRO A 3 -18.71 45.10 16.16
C PRO A 3 -19.31 43.81 16.68
N PRO A 4 -19.19 42.73 15.89
CA PRO A 4 -19.53 41.40 16.42
C PRO A 4 -18.48 40.95 17.42
N SER A 5 -18.89 40.21 18.45
CA SER A 5 -17.94 39.71 19.44
C SER A 5 -17.04 38.66 18.80
N ASP A 6 -15.80 38.56 19.29
CA ASP A 6 -14.79 37.71 18.67
C ASP A 6 -15.21 36.25 18.45
N PRO A 7 -14.63 35.60 17.42
CA PRO A 7 -14.89 34.20 17.07
C PRO A 7 -14.11 33.20 17.92
N THR A 8 -14.74 32.09 18.29
CA THR A 8 -14.04 31.03 19.02
C THR A 8 -14.19 29.71 18.27
N VAL A 9 -13.08 29.02 18.07
CA VAL A 9 -13.12 27.74 17.36
C VAL A 9 -12.68 26.61 18.28
N GLU A 10 -13.23 25.42 18.04
CA GLU A 10 -12.90 24.24 18.81
C GLU A 10 -13.09 23.00 17.96
N ILE A 11 -12.38 21.93 18.31
CA ILE A 11 -12.51 20.68 17.58
C ILE A 11 -13.50 19.81 18.33
N LEU A 12 -14.39 19.17 17.59
CA LEU A 12 -15.42 18.37 18.24
C LEU A 12 -15.03 16.91 18.18
N ARG A 13 -14.76 16.36 19.36
CA ARG A 13 -14.54 14.93 19.50
C ARG A 13 -15.84 14.25 19.11
N ASN A 14 -15.74 13.07 18.50
CA ASN A 14 -16.91 12.33 18.05
C ASN A 14 -17.60 13.10 16.92
N PRO A 15 -18.59 12.49 16.24
CA PRO A 15 -19.08 11.12 16.34
C PRO A 15 -18.58 10.28 15.20
N SER A 16 -17.77 9.29 15.52
CA SER A 16 -17.24 8.41 14.50
C SER A 16 -17.23 7.00 15.03
N ALA A 17 -17.57 6.07 14.14
CA ALA A 17 -17.53 4.67 14.49
C ALA A 17 -16.08 4.34 14.79
N LEU A 18 -15.86 3.37 15.65
CA LEU A 18 -14.50 2.97 15.94
C LEU A 18 -13.87 2.53 14.62
N ARG A 19 -12.62 2.89 14.43
CA ARG A 19 -12.00 2.60 13.16
C ARG A 19 -10.67 1.84 13.22
N SER A 20 -10.52 0.80 12.38
CA SER A 20 -9.24 0.13 12.15
C SER A 20 -8.57 -0.19 13.45
N GLY A 21 -7.50 0.55 13.72
CA GLY A 21 -6.87 0.58 15.02
C GLY A 21 -6.67 1.99 15.53
N ASP A 22 -7.51 2.41 16.47
CA ASP A 22 -7.33 3.71 17.11
C ASP A 22 -7.60 3.56 18.59
N ASN A 23 -7.08 4.51 19.37
CA ASN A 23 -7.00 4.39 20.81
C ASN A 23 -8.34 4.59 21.50
N VAL A 24 -9.05 3.49 21.70
CA VAL A 24 -10.38 3.47 22.31
C VAL A 24 -10.32 3.29 23.82
N THR A 25 -11.20 3.98 24.52
CA THR A 25 -11.30 3.88 25.96
C THR A 25 -12.72 3.55 26.40
N ILE A 26 -12.87 2.51 27.22
CA ILE A 26 -14.21 2.15 27.70
C ILE A 26 -14.28 2.22 29.23
N ALA A 27 -15.46 2.65 29.72
CA ALA A 27 -15.65 2.85 31.15
C ALA A 27 -16.82 2.07 31.72
N CYS A 28 -16.68 1.64 32.98
CA CYS A 28 -17.76 0.96 33.66
C CYS A 28 -17.96 1.55 35.04
N SER A 29 -19.04 2.29 35.22
CA SER A 29 -19.30 2.90 36.50
C SER A 29 -20.29 2.09 37.34
N VAL A 30 -20.07 2.09 38.65
CA VAL A 30 -20.94 1.46 39.62
C VAL A 30 -20.98 2.32 40.89
N THR A 31 -22.16 2.54 41.46
CA THR A 31 -22.27 3.24 42.73
C THR A 31 -22.29 2.25 43.88
N GLY A 32 -21.44 2.50 44.88
CA GLY A 32 -21.11 1.54 45.91
C GLY A 32 -22.22 0.93 46.75
N GLY A 33 -22.06 -0.35 47.04
CA GLY A 33 -22.94 -1.07 47.92
C GLY A 33 -22.09 -1.68 49.02
N ASN A 34 -22.69 -2.46 49.92
CA ASN A 34 -21.93 -3.10 50.99
C ASN A 34 -22.04 -4.61 50.91
N PRO A 35 -20.89 -5.30 50.78
CA PRO A 35 -19.55 -4.72 50.69
C PRO A 35 -19.24 -4.12 49.32
N PRO A 36 -18.27 -3.19 49.24
CA PRO A 36 -17.85 -2.59 47.98
C PRO A 36 -17.47 -3.66 46.96
N PRO A 37 -18.17 -3.69 45.82
CA PRO A 37 -18.01 -4.76 44.83
C PRO A 37 -16.79 -4.58 43.95
N ASP A 38 -16.31 -5.69 43.39
CA ASP A 38 -15.23 -5.62 42.42
C ASP A 38 -15.83 -5.45 41.05
N VAL A 39 -15.20 -4.64 40.22
CA VAL A 39 -15.70 -4.39 38.88
C VAL A 39 -14.67 -4.85 37.87
N PHE A 40 -15.08 -5.77 36.99
CA PHE A 40 -14.17 -6.33 36.00
C PHE A 40 -14.71 -6.22 34.58
N TRP A 41 -13.82 -6.02 33.62
CA TRP A 41 -14.19 -6.09 32.22
C TRP A 41 -14.00 -7.52 31.71
N TYR A 42 -14.90 -7.98 30.85
CA TYR A 42 -14.82 -9.34 30.33
C TYR A 42 -14.95 -9.39 28.81
N HIS A 43 -13.85 -9.73 28.16
CA HIS A 43 -13.82 -9.93 26.72
C HIS A 43 -13.82 -11.44 26.46
N GLU A 44 -14.80 -11.94 25.73
CA GLU A 44 -14.93 -13.37 25.45
C GLU A 44 -14.99 -14.21 26.72
N ASN A 45 -15.79 -13.77 27.70
CA ASN A 45 -15.98 -14.50 28.95
C ASN A 45 -14.67 -14.84 29.66
N LYS A 46 -13.70 -13.96 29.58
CA LYS A 46 -12.45 -14.15 30.30
C LYS A 46 -12.03 -12.83 30.90
N ARG A 47 -11.73 -12.84 32.20
CA ARG A 47 -11.41 -11.63 32.94
C ARG A 47 -10.18 -10.90 32.40
N LEU A 48 -10.41 -9.71 31.87
CA LEU A 48 -9.35 -8.88 31.33
C LEU A 48 -8.50 -8.30 32.46
N GLN A 49 -7.21 -8.10 32.19
CA GLN A 49 -6.33 -7.51 33.18
C GLN A 49 -6.47 -5.99 33.20
N SER A 50 -7.34 -5.52 34.09
CA SER A 50 -7.55 -4.09 34.28
C SER A 50 -7.94 -3.82 35.73
N HIS A 51 -7.46 -2.70 36.26
CA HIS A 51 -7.71 -2.27 37.62
C HIS A 51 -9.05 -1.52 37.76
N SER A 52 -9.64 -1.61 38.94
CA SER A 52 -10.85 -0.86 39.26
C SER A 52 -10.56 0.15 40.37
N THR A 53 -11.03 1.39 40.20
CA THR A 53 -10.73 2.43 41.18
C THR A 53 -11.99 2.93 41.85
N LEU A 54 -11.97 3.00 43.17
CA LEU A 54 -13.09 3.43 43.98
C LEU A 54 -12.79 4.74 44.66
N ASP A 55 -13.66 5.73 44.48
CA ASP A 55 -13.50 6.97 45.21
C ASP A 55 -14.13 6.76 46.58
N THR A 56 -13.41 7.09 47.64
CA THR A 56 -13.94 6.89 48.98
C THR A 56 -14.99 7.94 49.32
N ARG A 57 -14.80 9.15 48.83
CA ARG A 57 -15.75 10.22 49.09
C ARG A 57 -17.10 9.94 48.43
N SER A 58 -17.05 9.69 47.12
CA SER A 58 -18.24 9.46 46.30
C SER A 58 -18.91 8.11 46.50
N LYS A 59 -18.11 7.09 46.81
CA LYS A 59 -18.57 5.70 46.90
C LYS A 59 -18.89 5.16 45.50
N GLU A 60 -18.29 5.77 44.49
CA GLU A 60 -18.50 5.30 43.11
C GLU A 60 -17.29 4.52 42.58
N ILE A 61 -17.53 3.27 42.20
CA ILE A 61 -16.49 2.42 41.63
C ILE A 61 -16.45 2.51 40.12
N LYS A 62 -15.30 2.91 39.57
CA LYS A 62 -15.18 3.04 38.11
C LYS A 62 -14.02 2.16 37.58
N ASN A 63 -14.21 1.59 36.40
CA ASN A 63 -13.19 0.78 35.73
C ASN A 63 -12.93 1.28 34.31
N ILE A 64 -11.73 1.83 34.10
CA ILE A 64 -11.37 2.42 32.82
C ILE A 64 -10.39 1.53 32.04
N TYR A 65 -10.82 1.12 30.86
CA TYR A 65 -10.06 0.20 30.00
C TYR A 65 -9.73 0.86 28.67
N SER A 66 -8.44 1.00 28.35
CA SER A 66 -8.06 1.58 27.07
C SER A 66 -7.35 0.54 26.21
N PHE A 67 -7.69 0.48 24.93
CA PHE A 67 -7.06 -0.44 24.01
C PHE A 67 -7.12 0.08 22.57
N ILE A 68 -6.28 -0.45 21.68
CA ILE A 68 -6.39 -0.09 20.27
C ILE A 68 -7.37 -1.01 19.57
N ALA A 69 -8.26 -0.42 18.78
CA ALA A 69 -9.31 -1.18 18.10
C ALA A 69 -8.74 -2.19 17.10
N SER A 70 -9.47 -3.27 16.87
CA SER A 70 -8.98 -4.35 16.01
C SER A 70 -10.06 -4.87 15.06
N GLN A 71 -9.66 -5.22 13.85
CA GLN A 71 -10.63 -5.78 12.95
C GLN A 71 -11.01 -7.20 13.39
N ASN A 72 -10.02 -7.97 13.85
CA ASN A 72 -10.19 -9.39 14.17
C ASN A 72 -11.31 -9.65 15.17
N ASP A 73 -11.48 -8.72 16.10
CA ASP A 73 -12.58 -8.73 17.04
C ASP A 73 -13.26 -7.39 16.94
N ASN A 74 -13.74 -6.92 18.09
CA ASN A 74 -14.24 -5.56 18.26
C ASN A 74 -15.49 -5.27 17.44
N MET A 75 -15.99 -6.28 16.76
CA MET A 75 -17.35 -6.24 16.25
C MET A 75 -18.19 -7.02 17.26
N ALA A 76 -17.53 -7.44 18.34
CA ALA A 76 -18.13 -8.26 19.37
C ALA A 76 -18.23 -7.47 20.67
N GLU A 77 -18.70 -8.13 21.73
CA GLU A 77 -19.04 -7.42 22.96
C GLU A 77 -18.04 -7.51 24.12
N TYR A 78 -17.99 -6.44 24.90
CA TYR A 78 -17.17 -6.32 26.11
C TYR A 78 -18.11 -6.18 27.30
N GLU A 79 -18.03 -7.12 28.23
CA GLU A 79 -18.97 -7.14 29.34
C GLU A 79 -18.34 -6.68 30.65
N CYS A 80 -19.17 -6.06 31.48
CA CYS A 80 -18.76 -5.61 32.81
C CYS A 80 -19.48 -6.46 33.84
N ARG A 81 -18.80 -6.80 34.93
CA ARG A 81 -19.43 -7.61 35.96
C ARG A 81 -19.20 -7.02 37.35
N ALA A 82 -20.24 -7.09 38.18
CA ALA A 82 -20.14 -6.67 39.58
C ALA A 82 -20.29 -7.89 40.46
N ASN A 83 -19.43 -7.98 41.46
CA ASN A 83 -19.30 -9.18 42.27
C ASN A 83 -19.54 -8.94 43.76
N ASN A 84 -20.42 -9.75 44.35
CA ASN A 84 -20.70 -9.73 45.79
C ASN A 84 -20.90 -11.11 46.41
N SER A 85 -19.82 -11.86 46.60
CA SER A 85 -19.92 -13.22 47.15
C SER A 85 -20.85 -14.10 46.32
N ARG A 86 -21.69 -14.87 47.01
CA ARG A 86 -22.65 -15.77 46.36
C ARG A 86 -23.51 -15.05 45.32
N PRO A 90 -24.25 -12.01 40.09
CA PRO A 90 -23.36 -10.91 39.67
C PRO A 90 -24.03 -9.97 38.66
N LYS A 91 -24.09 -8.70 39.02
CA LYS A 91 -24.67 -7.69 38.14
C LYS A 91 -23.80 -7.49 36.91
N ARG A 92 -24.41 -7.57 35.73
CA ARG A 92 -23.63 -7.50 34.49
C ARG A 92 -24.22 -6.54 33.46
N LYS A 93 -23.35 -5.94 32.64
CA LYS A 93 -23.77 -5.07 31.56
C LYS A 93 -22.78 -5.16 30.39
N ALA A 94 -23.23 -5.72 29.27
CA ALA A 94 -22.35 -5.96 28.13
C ALA A 94 -22.35 -4.77 27.17
N MET A 95 -21.54 -4.85 26.13
CA MET A 95 -21.40 -3.75 25.18
C MET A 95 -20.83 -4.17 23.82
N LYS A 96 -21.69 -4.19 22.80
CA LYS A 96 -21.26 -4.53 21.45
C LYS A 96 -20.68 -3.30 20.73
N LEU A 97 -19.49 -3.46 20.16
CA LEU A 97 -18.82 -2.37 19.48
C LEU A 97 -18.93 -2.50 17.97
N GLU A 98 -18.77 -1.37 17.28
CA GLU A 98 -18.75 -1.38 15.82
C GLU A 98 -17.45 -0.76 15.33
N VAL A 99 -16.65 -1.55 14.62
CA VAL A 99 -15.36 -1.07 14.14
C VAL A 99 -15.27 -1.14 12.62
N ASN A 100 -15.02 0.01 12.00
CA ASN A 100 -14.79 0.06 10.55
C ASN A 100 -13.38 -0.39 10.23
N TYR A 101 -13.24 -1.17 9.17
CA TYR A 101 -11.92 -1.63 8.73
C TYR A 101 -11.96 -2.09 7.29
N PRO A 102 -10.86 -1.87 6.56
CA PRO A 102 -10.81 -2.18 5.13
C PRO A 102 -10.75 -3.69 4.88
N PRO A 103 -11.15 -4.13 3.68
CA PRO A 103 -11.04 -5.55 3.33
C PRO A 103 -9.58 -5.97 3.27
N ALA A 104 -9.24 -7.05 3.96
CA ALA A 104 -7.86 -7.50 4.02
C ALA A 104 -7.33 -7.87 2.65
N SER A 105 -8.03 -8.76 1.96
CA SER A 105 -7.66 -9.20 0.61
C SER A 105 -8.88 -9.68 -0.14
N VAL A 106 -8.66 -10.18 -1.36
CA VAL A 106 -9.72 -10.75 -2.18
C VAL A 106 -9.30 -12.11 -2.72
N GLU A 107 -10.28 -12.90 -3.13
CA GLU A 107 -10.03 -14.23 -3.68
C GLU A 107 -10.71 -14.42 -5.02
N LEU A 108 -9.94 -14.82 -6.03
CA LEU A 108 -10.48 -15.07 -7.36
C LEU A 108 -10.71 -16.56 -7.60
N PHE A 109 -11.72 -16.90 -8.39
CA PHE A 109 -12.02 -18.29 -8.72
C PHE A 109 -12.24 -18.49 -10.22
N GLY A 110 -11.56 -19.47 -10.80
CA GLY A 110 -11.71 -19.75 -12.21
C GLY A 110 -10.57 -20.56 -12.82
N GLU A 111 -10.77 -20.98 -14.06
CA GLU A 111 -9.77 -21.76 -14.78
C GLU A 111 -8.53 -20.92 -15.07
N SER A 112 -7.39 -21.59 -15.18
CA SER A 112 -6.14 -20.92 -15.52
C SER A 112 -5.93 -21.06 -17.02
N ASN A 113 -6.67 -21.98 -17.61
CA ASN A 113 -6.61 -22.25 -19.03
C ASN A 113 -8.02 -22.36 -19.62
N ILE A 114 -8.28 -21.60 -20.69
CA ILE A 114 -9.56 -21.68 -21.38
C ILE A 114 -9.36 -21.88 -22.89
N ARG A 115 -10.28 -22.63 -23.50
CA ARG A 115 -10.24 -22.87 -24.94
C ARG A 115 -10.64 -21.63 -25.73
N TYR A 116 -9.94 -21.39 -26.84
CA TYR A 116 -10.21 -20.24 -27.69
C TYR A 116 -11.61 -20.30 -28.30
N GLY A 117 -12.32 -19.16 -28.27
CA GLY A 117 -13.67 -19.10 -28.77
C GLY A 117 -14.67 -19.22 -27.64
N SER A 118 -14.32 -20.05 -26.67
CA SER A 118 -15.15 -20.27 -25.50
C SER A 118 -15.10 -19.08 -24.55
N SER A 119 -16.08 -19.01 -23.67
CA SER A 119 -16.18 -17.92 -22.71
C SER A 119 -15.88 -18.44 -21.32
N ALA A 120 -15.48 -17.54 -20.41
CA ALA A 120 -15.14 -17.93 -19.05
C ALA A 120 -15.79 -17.05 -17.98
N ASN A 121 -16.16 -17.69 -16.87
CA ASN A 121 -16.75 -17.00 -15.72
C ASN A 121 -15.81 -16.92 -14.51
N ILE A 122 -15.52 -15.69 -14.08
CA ILE A 122 -14.62 -15.46 -12.96
C ILE A 122 -15.35 -14.90 -11.73
N GLN A 123 -15.14 -15.56 -10.60
CA GLN A 123 -15.76 -15.12 -9.34
C GLN A 123 -14.73 -14.41 -8.45
N CYS A 124 -15.18 -13.47 -7.64
CA CYS A 124 -14.30 -12.81 -6.70
C CYS A 124 -14.96 -12.50 -5.37
N LYS A 125 -14.51 -13.17 -4.32
CA LYS A 125 -14.99 -12.84 -2.98
C LYS A 125 -13.90 -12.12 -2.21
N SER A 126 -14.32 -11.10 -1.49
CA SER A 126 -13.42 -10.31 -0.66
C SER A 126 -13.41 -10.89 0.74
N LEU A 127 -12.33 -10.64 1.46
CA LEU A 127 -12.27 -10.98 2.87
C LEU A 127 -13.21 -10.03 3.63
N PRO A 128 -13.72 -10.46 4.80
CA PRO A 128 -14.66 -9.65 5.58
C PRO A 128 -14.21 -8.21 5.77
N SER A 129 -15.13 -7.26 5.67
CA SER A 129 -14.79 -5.86 5.93
C SER A 129 -16.00 -5.14 6.50
N ASN A 130 -15.76 -3.95 7.05
CA ASN A 130 -16.86 -3.13 7.53
C ASN A 130 -16.57 -1.67 7.24
N PRO A 131 -17.47 -1.02 6.51
CA PRO A 131 -18.66 -1.67 5.94
C PRO A 131 -18.38 -2.52 4.69
N ALA A 132 -19.43 -2.87 3.96
CA ALA A 132 -19.31 -3.72 2.77
C ALA A 132 -18.45 -3.06 1.72
N SER A 133 -17.67 -3.88 1.04
CA SER A 133 -16.76 -3.38 0.00
C SER A 133 -17.32 -3.49 -1.43
N GLN A 134 -16.97 -2.54 -2.27
CA GLN A 134 -17.42 -2.52 -3.65
C GLN A 134 -16.40 -3.22 -4.56
N ILE A 135 -16.84 -4.31 -5.17
CA ILE A 135 -15.98 -5.03 -6.09
C ILE A 135 -16.00 -4.38 -7.48
N THR A 136 -14.80 -4.15 -8.00
CA THR A 136 -14.62 -3.62 -9.34
C THR A 136 -13.65 -4.51 -10.10
N TRP A 137 -13.78 -4.52 -11.42
CA TRP A 137 -12.96 -5.37 -12.26
C TRP A 137 -12.19 -4.57 -13.28
N ILE A 138 -10.96 -4.98 -13.55
CA ILE A 138 -10.16 -4.34 -14.58
C ILE A 138 -9.54 -5.42 -15.47
N ILE A 139 -9.96 -5.43 -16.73
CA ILE A 139 -9.50 -6.45 -17.69
C ILE A 139 -8.60 -5.85 -18.76
N ASN A 140 -7.37 -6.35 -18.83
CA ASN A 140 -6.35 -5.85 -19.77
C ASN A 140 -6.14 -4.34 -19.66
N GLY A 141 -6.10 -3.85 -18.43
CA GLY A 141 -5.83 -2.45 -18.18
C GLY A 141 -7.04 -1.59 -18.45
N ARG A 142 -8.19 -2.25 -18.59
CA ARG A 142 -9.42 -1.51 -18.86
C ARG A 142 -10.46 -1.79 -17.78
N SER A 143 -10.97 -0.73 -17.15
CA SER A 143 -12.02 -0.89 -16.16
C SER A 143 -13.28 -1.30 -16.92
N VAL A 144 -14.02 -2.25 -16.35
CA VAL A 144 -15.24 -2.74 -16.98
C VAL A 144 -16.47 -2.35 -16.16
N PRO A 145 -17.64 -2.29 -16.82
CA PRO A 145 -18.89 -1.99 -16.10
C PRO A 145 -19.08 -2.94 -14.93
N THR A 146 -19.34 -2.37 -13.76
CA THR A 146 -19.42 -3.13 -12.53
C THR A 146 -20.65 -4.03 -12.47
N PRO A 147 -20.43 -5.34 -12.31
CA PRO A 147 -21.48 -6.34 -12.16
C PRO A 147 -22.23 -6.16 -10.85
N THR A 148 -23.48 -6.64 -10.80
CA THR A 148 -24.24 -6.64 -9.57
C THR A 148 -23.56 -7.56 -8.56
N GLN A 149 -23.46 -7.16 -7.30
CA GLN A 149 -22.74 -7.98 -6.33
C GLN A 149 -23.64 -8.48 -5.20
N ARG A 150 -23.25 -9.61 -4.64
CA ARG A 150 -23.96 -10.21 -3.52
C ARG A 150 -23.17 -9.97 -2.24
N GLU A 151 -23.82 -9.42 -1.22
CA GLU A 151 -23.14 -9.18 0.06
C GLU A 151 -23.63 -10.15 1.14
N PHE A 152 -22.69 -10.75 1.85
CA PHE A 152 -23.03 -11.72 2.88
C PHE A 152 -22.58 -11.24 4.26
N VAL A 153 -23.37 -11.56 5.29
CA VAL A 153 -23.02 -11.12 6.62
C VAL A 153 -22.36 -12.22 7.42
N VAL A 154 -21.12 -11.99 7.84
CA VAL A 154 -20.40 -12.95 8.63
C VAL A 154 -20.08 -12.33 9.97
N GLU A 155 -19.57 -13.13 10.89
CA GLU A 155 -19.22 -12.60 12.20
C GLU A 155 -18.03 -11.66 12.04
N ASN A 156 -18.16 -10.46 12.59
CA ASN A 156 -17.16 -9.40 12.54
C ASN A 156 -16.95 -8.76 11.17
N GLY A 157 -17.96 -8.76 10.32
CA GLY A 157 -17.84 -8.08 9.03
C GLY A 157 -18.83 -8.47 7.94
N ILE A 158 -18.58 -7.99 6.72
CA ILE A 158 -19.42 -8.28 5.56
C ILE A 158 -18.58 -8.73 4.34
N VAL A 159 -19.04 -9.76 3.65
CA VAL A 159 -18.32 -10.29 2.49
C VAL A 159 -19.02 -9.96 1.18
N SER A 160 -18.29 -9.31 0.26
CA SER A 160 -18.84 -9.00 -1.05
C SER A 160 -18.42 -10.07 -2.04
N SER A 161 -19.26 -10.32 -3.04
CA SER A 161 -18.97 -11.35 -4.02
C SER A 161 -19.51 -10.92 -5.39
N SER A 162 -18.71 -11.12 -6.43
CA SER A 162 -19.06 -10.65 -7.76
C SER A 162 -18.59 -11.65 -8.82
N ASN A 163 -19.40 -11.83 -9.85
CA ASN A 163 -19.08 -12.72 -10.94
C ASN A 163 -18.82 -11.89 -12.18
N VAL A 164 -17.81 -12.24 -12.96
CA VAL A 164 -17.61 -11.55 -14.23
C VAL A 164 -17.41 -12.58 -15.33
N SER A 165 -17.82 -12.24 -16.55
CA SER A 165 -17.66 -13.16 -17.68
C SER A 165 -16.71 -12.59 -18.73
N VAL A 166 -15.70 -13.39 -19.08
CA VAL A 166 -14.74 -13.02 -20.11
C VAL A 166 -14.94 -13.93 -21.32
N HIS A 167 -15.10 -13.32 -22.49
CA HIS A 167 -15.31 -14.11 -23.71
C HIS A 167 -14.12 -14.02 -24.65
N SER A 168 -13.52 -15.17 -24.96
CA SER A 168 -12.34 -15.19 -25.83
C SER A 168 -12.74 -15.08 -27.29
N ASN A 169 -14.05 -15.12 -27.56
CA ASN A 169 -14.54 -14.98 -28.94
C ASN A 169 -14.30 -13.58 -29.48
N GLU A 170 -14.43 -12.58 -28.62
CA GLU A 170 -14.17 -11.20 -28.98
C GLU A 170 -12.69 -10.95 -29.23
N LEU A 171 -11.84 -11.68 -28.52
CA LEU A 171 -10.40 -11.51 -28.67
C LEU A 171 -9.90 -12.15 -29.96
N SER A 172 -8.73 -11.70 -30.41
CA SER A 172 -8.15 -12.20 -31.65
C SER A 172 -7.63 -13.63 -31.46
N VAL A 173 -7.33 -14.29 -32.58
CA VAL A 173 -6.82 -15.65 -32.55
C VAL A 173 -5.38 -15.66 -32.03
N GLU A 174 -4.75 -14.48 -32.05
CA GLU A 174 -3.41 -14.31 -31.53
C GLU A 174 -3.41 -13.73 -30.10
N ALA A 175 -4.46 -14.00 -29.33
CA ALA A 175 -4.55 -13.54 -27.95
C ALA A 175 -4.02 -14.61 -27.00
N HIS A 176 -2.90 -14.32 -26.33
CA HIS A 176 -2.21 -15.34 -25.55
C HIS A 176 -2.83 -15.56 -24.18
N GLN A 177 -3.09 -14.48 -23.46
CA GLN A 177 -3.67 -14.60 -22.14
C GLN A 177 -4.51 -13.39 -21.79
N ILE A 178 -5.39 -13.56 -20.81
CA ILE A 178 -6.26 -12.49 -20.36
C ILE A 178 -6.03 -12.17 -18.89
N ASN A 179 -5.65 -10.92 -18.62
CA ASN A 179 -5.44 -10.43 -17.26
C ASN A 179 -6.73 -9.99 -16.59
N VAL A 180 -7.10 -10.71 -15.54
CA VAL A 180 -8.32 -10.44 -14.80
C VAL A 180 -7.94 -9.88 -13.44
N GLU A 181 -8.28 -8.62 -13.19
CA GLU A 181 -7.94 -8.00 -11.92
C GLU A 181 -9.19 -7.67 -11.12
N CYS A 182 -9.22 -8.15 -9.88
CA CYS A 182 -10.35 -7.89 -9.00
C CYS A 182 -9.96 -6.89 -7.92
N MET A 183 -10.92 -6.09 -7.45
CA MET A 183 -10.61 -5.09 -6.43
C MET A 183 -11.78 -4.79 -5.49
N ALA A 184 -11.54 -4.93 -4.19
CA ALA A 184 -12.54 -4.60 -3.18
C ALA A 184 -12.20 -3.26 -2.55
N THR A 185 -13.21 -2.43 -2.28
CA THR A 185 -12.99 -1.09 -1.79
C THR A 185 -14.08 -0.59 -0.84
N ASN A 186 -13.70 -0.12 0.33
CA ASN A 186 -14.63 0.60 1.18
C ASN A 186 -13.95 1.88 1.67
N PRO A 187 -14.68 2.76 2.42
CA PRO A 187 -14.08 4.02 2.89
C PRO A 187 -12.78 3.87 3.69
N GLU A 188 -12.51 2.70 4.24
CA GLU A 188 -11.30 2.52 4.99
C GLU A 188 -10.13 2.29 4.03
N GLY A 189 -10.28 1.33 3.13
CA GLY A 189 -9.24 1.08 2.15
C GLY A 189 -9.65 0.22 0.98
N SER A 190 -8.64 -0.36 0.33
CA SER A 190 -8.87 -1.27 -0.79
C SER A 190 -7.75 -2.30 -0.86
N SER A 191 -8.02 -3.37 -1.61
CA SER A 191 -7.07 -4.45 -1.85
C SER A 191 -7.37 -5.11 -3.19
N ALA A 192 -6.32 -5.48 -3.93
CA ALA A 192 -6.52 -6.09 -5.24
C ALA A 192 -5.76 -7.40 -5.38
N LYS A 193 -6.17 -8.21 -6.36
CA LYS A 193 -5.47 -9.44 -6.69
C LYS A 193 -5.70 -9.76 -8.17
N GLN A 194 -4.67 -10.28 -8.83
CA GLN A 194 -4.71 -10.52 -10.27
C GLN A 194 -4.52 -11.98 -10.64
N HIS A 195 -5.49 -12.53 -11.36
CA HIS A 195 -5.45 -13.90 -11.85
C HIS A 195 -5.23 -13.93 -13.36
N VAL A 196 -4.29 -14.76 -13.81
CA VAL A 196 -3.96 -14.83 -15.23
C VAL A 196 -4.55 -16.08 -15.87
N ILE A 197 -5.34 -15.89 -16.93
CA ILE A 197 -5.93 -17.01 -17.66
C ILE A 197 -5.25 -17.20 -19.02
N LYS A 198 -4.67 -18.38 -19.23
CA LYS A 198 -4.03 -18.69 -20.49
C LYS A 198 -5.06 -19.20 -21.47
N ILE A 199 -4.83 -18.96 -22.77
CA ILE A 199 -5.75 -19.42 -23.80
C ILE A 199 -5.16 -20.60 -24.57
N ILE A 200 -5.84 -21.75 -24.44
CA ILE A 200 -5.42 -22.98 -25.09
C ILE A 200 -6.25 -23.29 -26.34
N ALA A 201 -5.69 -24.08 -27.24
CA ALA A 201 -6.33 -24.39 -28.51
C ALA A 201 -7.51 -25.35 -28.35
N ASP B 6 33.57 12.55 -29.88
CA ASP B 6 32.78 13.07 -28.76
C ASP B 6 32.18 11.89 -27.98
N PRO B 7 31.75 12.14 -26.73
CA PRO B 7 31.22 11.00 -25.96
C PRO B 7 29.86 10.51 -26.48
N THR B 8 29.71 9.18 -26.49
CA THR B 8 28.49 8.53 -26.98
C THR B 8 27.84 7.61 -25.95
N VAL B 9 26.52 7.69 -25.86
CA VAL B 9 25.75 6.91 -24.88
C VAL B 9 24.81 5.88 -25.51
N GLU B 10 24.54 4.80 -24.77
CA GLU B 10 23.63 3.75 -25.22
C GLU B 10 22.93 3.12 -24.02
N ILE B 11 21.71 2.63 -24.24
CA ILE B 11 20.94 1.96 -23.19
C ILE B 11 21.00 0.44 -23.32
N LEU B 12 21.22 -0.23 -22.20
CA LEU B 12 21.31 -1.70 -22.22
C LEU B 12 20.09 -2.40 -21.62
N ARG B 13 19.38 -3.15 -22.46
CA ARG B 13 18.38 -4.09 -21.99
C ARG B 13 19.14 -5.16 -21.23
N ASN B 14 18.51 -5.73 -20.19
CA ASN B 14 19.14 -6.78 -19.39
C ASN B 14 20.30 -6.21 -18.56
N PRO B 15 20.89 -7.00 -17.65
CA PRO B 15 20.57 -8.38 -17.24
C PRO B 15 19.88 -8.49 -15.89
N SER B 16 18.63 -8.91 -15.94
CA SER B 16 17.83 -9.13 -14.74
C SER B 16 16.88 -10.27 -15.00
N ALA B 17 16.61 -11.07 -13.96
CA ALA B 17 15.62 -12.13 -14.07
C ALA B 17 14.28 -11.45 -14.35
N LEU B 18 13.38 -12.15 -15.04
CA LEU B 18 12.09 -11.56 -15.33
C LEU B 18 11.39 -11.19 -14.04
N ARG B 19 10.70 -10.05 -14.08
CA ARG B 19 10.16 -9.50 -12.88
C ARG B 19 8.64 -9.35 -12.95
N SER B 20 7.96 -9.79 -11.90
CA SER B 20 6.53 -9.52 -11.72
C SER B 20 5.69 -9.85 -12.95
N GLY B 21 5.13 -8.81 -13.57
CA GLY B 21 4.48 -8.94 -14.88
C GLY B 21 4.95 -7.88 -15.88
N ASP B 22 5.80 -8.27 -16.82
CA ASP B 22 6.31 -7.33 -17.83
C ASP B 22 6.42 -7.92 -19.26
N ASN B 23 6.55 -7.05 -20.27
CA ASN B 23 6.46 -7.44 -21.68
C ASN B 23 7.65 -8.23 -22.22
N VAL B 24 7.67 -9.53 -21.97
CA VAL B 24 8.74 -10.39 -22.50
C VAL B 24 8.22 -11.35 -23.61
N THR B 25 9.05 -11.60 -24.62
CA THR B 25 8.71 -12.45 -25.75
C THR B 25 9.70 -13.60 -25.96
N ILE B 26 9.19 -14.81 -26.13
CA ILE B 26 10.03 -15.98 -26.37
C ILE B 26 9.78 -16.57 -27.76
N ALA B 27 10.85 -17.04 -28.39
CA ALA B 27 10.79 -17.52 -29.76
C ALA B 27 11.29 -18.96 -29.85
N CYS B 28 10.78 -19.67 -30.84
CA CYS B 28 11.18 -21.06 -31.10
C CYS B 28 11.53 -21.25 -32.57
N SER B 29 12.81 -21.46 -32.86
CA SER B 29 13.29 -21.66 -34.23
C SER B 29 13.39 -23.15 -34.54
N VAL B 30 13.26 -23.49 -35.82
CA VAL B 30 13.41 -24.86 -36.27
C VAL B 30 14.16 -24.88 -37.61
N THR B 31 15.11 -25.80 -37.74
CA THR B 31 15.80 -25.99 -39.02
C THR B 31 15.05 -27.07 -39.79
N GLY B 32 14.73 -26.77 -41.05
CA GLY B 32 13.80 -27.58 -41.81
C GLY B 32 14.11 -29.06 -41.99
N GLY B 33 13.06 -29.86 -41.87
CA GLY B 33 13.13 -31.28 -42.15
C GLY B 33 12.05 -31.59 -43.17
N ASN B 34 11.94 -32.84 -43.58
CA ASN B 34 10.94 -33.22 -44.56
C ASN B 34 10.01 -34.33 -44.05
N PRO B 35 8.69 -34.07 -44.03
CA PRO B 35 8.01 -32.83 -44.42
C PRO B 35 8.14 -31.73 -43.37
N PRO B 36 7.97 -30.46 -43.78
CA PRO B 36 8.00 -29.31 -42.87
C PRO B 36 7.02 -29.46 -41.71
N PRO B 37 7.54 -29.47 -40.47
CA PRO B 37 6.74 -29.74 -39.28
C PRO B 37 5.98 -28.53 -38.77
N ASP B 38 4.87 -28.77 -38.08
CA ASP B 38 4.11 -27.72 -37.41
C ASP B 38 4.65 -27.53 -35.99
N VAL B 39 4.70 -26.29 -35.53
CA VAL B 39 5.28 -25.99 -34.22
C VAL B 39 4.27 -25.37 -33.26
N PHE B 40 4.08 -26.00 -32.09
CA PHE B 40 3.12 -25.52 -31.09
C PHE B 40 3.77 -25.36 -29.71
N TRP B 41 3.31 -24.36 -28.95
CA TRP B 41 3.75 -24.21 -27.56
C TRP B 41 2.85 -24.98 -26.61
N TYR B 42 3.43 -25.52 -25.55
CA TYR B 42 2.69 -26.33 -24.58
C TYR B 42 2.94 -25.94 -23.12
N HIS B 43 1.90 -25.43 -22.49
CA HIS B 43 1.93 -25.07 -21.07
C HIS B 43 1.33 -26.17 -20.22
N GLU B 44 2.14 -26.71 -19.31
CA GLU B 44 1.74 -27.81 -18.43
C GLU B 44 1.23 -28.99 -19.24
N ASN B 45 1.99 -29.33 -20.28
CA ASN B 45 1.70 -30.44 -21.19
C ASN B 45 0.32 -30.39 -21.83
N LYS B 46 -0.14 -29.18 -22.15
CA LYS B 46 -1.40 -28.99 -22.86
C LYS B 46 -1.25 -27.91 -23.93
N ARG B 47 -1.76 -28.20 -25.12
CA ARG B 47 -1.60 -27.39 -26.33
C ARG B 47 -2.07 -25.93 -26.24
N LEU B 48 -1.10 -25.01 -26.28
CA LEU B 48 -1.38 -23.57 -26.26
C LEU B 48 -1.87 -23.04 -27.61
N GLN B 49 -2.75 -22.04 -27.54
CA GLN B 49 -3.27 -21.40 -28.74
C GLN B 49 -2.32 -20.33 -29.28
N SER B 50 -1.42 -20.73 -30.17
CA SER B 50 -0.52 -19.79 -30.81
C SER B 50 -0.13 -20.26 -32.21
N HIS B 51 -0.04 -19.32 -33.16
CA HIS B 51 0.32 -19.63 -34.55
C HIS B 51 1.83 -19.65 -34.76
N SER B 52 2.30 -20.47 -35.71
CA SER B 52 3.72 -20.50 -36.05
C SER B 52 3.98 -19.97 -37.47
N THR B 53 4.93 -19.05 -37.55
CA THR B 53 5.27 -18.34 -38.79
C THR B 53 6.75 -18.50 -39.13
N LEU B 54 7.08 -18.58 -40.42
CA LEU B 54 8.47 -18.77 -40.81
C LEU B 54 9.08 -17.43 -41.21
N ASP B 55 10.26 -17.16 -40.65
CA ASP B 55 11.00 -15.93 -40.89
C ASP B 55 11.68 -15.92 -42.25
N THR B 56 11.67 -14.74 -42.87
CA THR B 56 12.28 -14.54 -44.18
C THR B 56 13.79 -14.62 -43.97
N ARG B 57 14.56 -14.32 -45.01
CA ARG B 57 16.04 -14.39 -44.99
C ARG B 57 16.60 -15.65 -44.31
N SER B 58 16.16 -15.93 -43.07
CA SER B 58 16.69 -17.07 -42.31
C SER B 58 16.25 -18.44 -42.83
N LYS B 59 15.01 -18.54 -43.32
CA LYS B 59 14.45 -19.80 -43.82
C LYS B 59 14.29 -20.86 -42.70
N GLU B 60 14.15 -20.38 -41.47
CA GLU B 60 13.97 -21.24 -40.30
C GLU B 60 12.52 -21.23 -39.78
N ILE B 61 11.96 -22.40 -39.52
CA ILE B 61 10.60 -22.50 -39.00
C ILE B 61 10.61 -21.87 -37.62
N LYS B 62 9.81 -20.82 -37.47
CA LYS B 62 9.85 -20.02 -36.26
C LYS B 62 8.50 -19.92 -35.51
N ASN B 63 8.54 -19.86 -34.19
CA ASN B 63 7.31 -19.64 -33.40
C ASN B 63 7.54 -18.55 -32.36
N ILE B 64 6.85 -17.42 -32.51
CA ILE B 64 7.02 -16.29 -31.60
C ILE B 64 5.84 -16.15 -30.65
N TYR B 65 6.11 -16.24 -29.35
CA TYR B 65 5.07 -16.19 -28.31
C TYR B 65 5.31 -15.03 -27.32
N SER B 66 4.35 -14.11 -27.21
CA SER B 66 4.48 -12.98 -26.27
C SER B 66 3.52 -13.08 -25.09
N PHE B 67 4.02 -12.81 -23.89
CA PHE B 67 3.20 -12.88 -22.69
C PHE B 67 3.68 -11.94 -21.59
N ILE B 68 2.78 -11.62 -20.66
CA ILE B 68 3.13 -10.87 -19.47
C ILE B 68 3.47 -11.87 -18.36
N ALA B 69 4.58 -11.65 -17.65
CA ALA B 69 5.03 -12.59 -16.63
C ALA B 69 4.01 -12.75 -15.50
N SER B 70 4.03 -13.90 -14.82
CA SER B 70 3.07 -14.20 -13.77
C SER B 70 3.74 -14.86 -12.56
N GLN B 71 3.27 -14.50 -11.36
CA GLN B 71 3.80 -15.14 -10.17
C GLN B 71 3.26 -16.56 -10.02
N ASN B 72 1.98 -16.76 -10.34
CA ASN B 72 1.30 -18.04 -10.17
C ASN B 72 1.98 -19.16 -10.92
N ASP B 73 2.51 -18.82 -12.10
CA ASP B 73 3.30 -19.75 -12.90
C ASP B 73 4.65 -19.14 -13.18
N ASN B 74 5.20 -19.47 -14.35
CA ASN B 74 6.45 -18.91 -14.86
C ASN B 74 7.65 -19.26 -13.98
N MET B 75 7.40 -20.03 -12.94
CA MET B 75 8.44 -20.72 -12.19
C MET B 75 8.45 -22.16 -12.71
N ALA B 76 7.61 -22.39 -13.72
CA ALA B 76 7.34 -23.71 -14.26
C ALA B 76 7.87 -23.85 -15.67
N GLU B 77 7.54 -24.98 -16.31
CA GLU B 77 8.18 -25.36 -17.56
C GLU B 77 7.35 -25.04 -18.80
N TYR B 78 8.03 -24.55 -19.84
CA TYR B 78 7.45 -24.31 -21.16
C TYR B 78 8.18 -25.06 -22.27
N GLU B 79 7.49 -25.97 -22.95
CA GLU B 79 8.14 -26.78 -24.00
C GLU B 79 7.67 -26.46 -25.42
N CYS B 80 8.57 -26.66 -26.37
CA CYS B 80 8.27 -26.43 -27.79
C CYS B 80 8.22 -27.79 -28.50
N ARG B 81 7.31 -27.95 -29.46
CA ARG B 81 7.14 -29.24 -30.12
C ARG B 81 7.12 -29.18 -31.64
N ALA B 82 7.68 -30.20 -32.27
CA ALA B 82 7.64 -30.35 -33.72
C ALA B 82 6.80 -31.57 -34.09
N ASN B 83 5.95 -31.43 -35.11
CA ASN B 83 4.98 -32.47 -35.45
C ASN B 83 5.20 -33.00 -36.86
N ASN B 84 5.23 -34.33 -36.97
CA ASN B 84 5.32 -35.03 -38.26
C ASN B 84 4.36 -36.21 -38.28
N SER B 85 3.07 -35.91 -38.46
CA SER B 85 1.99 -36.89 -38.41
C SER B 85 1.93 -37.60 -37.05
N ARG B 86 1.60 -38.89 -37.08
CA ARG B 86 1.54 -39.67 -35.86
C ARG B 86 2.94 -40.01 -35.38
N PRO B 90 7.52 -37.07 -31.04
CA PRO B 90 7.53 -35.61 -31.17
C PRO B 90 8.76 -34.96 -30.53
N LYS B 91 9.52 -34.22 -31.34
CA LYS B 91 10.70 -33.51 -30.85
C LYS B 91 10.30 -32.38 -29.92
N ARG B 92 10.90 -32.33 -28.74
CA ARG B 92 10.51 -31.33 -27.75
C ARG B 92 11.72 -30.63 -27.14
N LYS B 93 11.52 -29.37 -26.74
CA LYS B 93 12.56 -28.58 -26.10
C LYS B 93 11.94 -27.61 -25.08
N ALA B 94 12.21 -27.86 -23.80
CA ALA B 94 11.59 -27.06 -22.74
C ALA B 94 12.46 -25.89 -22.30
N MET B 95 11.90 -25.06 -21.43
CA MET B 95 12.59 -23.89 -20.90
C MET B 95 11.91 -23.40 -19.62
N LYS B 96 12.54 -23.63 -18.49
CA LYS B 96 12.02 -23.19 -17.20
C LYS B 96 12.43 -21.74 -16.98
N LEU B 97 11.46 -20.91 -16.60
CA LEU B 97 11.72 -19.50 -16.40
C LEU B 97 11.88 -19.15 -14.92
N GLU B 98 12.53 -18.01 -14.67
CA GLU B 98 12.70 -17.50 -13.31
C GLU B 98 12.10 -16.10 -13.21
N VAL B 99 11.07 -15.94 -12.39
CA VAL B 99 10.41 -14.65 -12.27
C VAL B 99 10.43 -14.13 -10.84
N ASN B 100 10.93 -12.91 -10.65
CA ASN B 100 10.93 -12.26 -9.35
C ASN B 100 9.57 -11.62 -9.01
N TYR B 101 9.09 -11.82 -7.79
CA TYR B 101 7.80 -11.24 -7.38
C TYR B 101 7.67 -11.15 -5.86
N PRO B 102 7.00 -10.10 -5.35
CA PRO B 102 6.87 -9.89 -3.90
C PRO B 102 5.88 -10.85 -3.24
N PRO B 103 6.03 -11.07 -1.90
CA PRO B 103 5.11 -11.93 -1.14
C PRO B 103 3.71 -11.35 -1.07
N ALA B 104 2.71 -12.15 -1.42
CA ALA B 104 1.33 -11.69 -1.46
C ALA B 104 0.87 -11.20 -0.09
N SER B 105 0.97 -12.07 0.90
CA SER B 105 0.61 -11.74 2.26
C SER B 105 1.40 -12.61 3.24
N VAL B 106 1.09 -12.48 4.51
CA VAL B 106 1.67 -13.31 5.56
C VAL B 106 0.58 -13.88 6.43
N GLU B 107 0.91 -14.92 7.19
CA GLU B 107 -0.04 -15.55 8.08
C GLU B 107 0.53 -15.68 9.47
N LEU B 108 -0.17 -15.15 10.47
CA LEU B 108 0.30 -15.28 11.86
C LEU B 108 -0.44 -16.40 12.57
N PHE B 109 0.25 -17.06 13.48
CA PHE B 109 -0.30 -18.17 14.24
C PHE B 109 0.07 -18.02 15.71
N GLY B 110 -0.91 -18.17 16.59
CA GLY B 110 -0.63 -18.02 18.00
C GLY B 110 -1.85 -17.78 18.85
N GLU B 111 -1.64 -17.75 20.16
CA GLU B 111 -2.72 -17.54 21.09
C GLU B 111 -3.27 -16.14 20.91
N SER B 112 -4.56 -15.96 21.16
CA SER B 112 -5.17 -14.64 21.08
C SER B 112 -5.33 -14.04 22.46
N ASN B 113 -5.19 -14.88 23.48
CA ASN B 113 -5.32 -14.46 24.87
C ASN B 113 -4.22 -15.07 25.73
N ILE B 114 -3.45 -14.25 26.46
CA ILE B 114 -2.46 -14.82 27.40
C ILE B 114 -2.55 -14.20 28.79
N ARG B 115 -2.33 -15.01 29.82
CA ARG B 115 -2.33 -14.48 31.18
C ARG B 115 -1.08 -13.69 31.47
N TYR B 116 -1.25 -12.59 32.22
CA TYR B 116 -0.15 -11.67 32.53
C TYR B 116 0.98 -12.33 33.31
N GLY B 117 2.20 -12.03 32.89
CA GLY B 117 3.38 -12.63 33.48
C GLY B 117 3.87 -13.76 32.60
N SER B 118 2.91 -14.50 32.03
CA SER B 118 3.20 -15.61 31.15
C SER B 118 3.66 -15.16 29.76
N SER B 119 4.35 -16.07 29.05
CA SER B 119 4.85 -15.78 27.72
C SER B 119 4.16 -16.59 26.61
N ALA B 120 4.23 -16.08 25.39
CA ALA B 120 3.58 -16.70 24.23
C ALA B 120 4.53 -16.79 23.03
N ASN B 121 4.39 -17.85 22.24
CA ASN B 121 5.20 -17.98 21.03
C ASN B 121 4.31 -17.72 19.80
N ILE B 122 4.68 -16.73 18.99
CA ILE B 122 3.90 -16.37 17.81
C ILE B 122 4.64 -16.75 16.54
N GLN B 123 3.99 -17.47 15.64
CA GLN B 123 4.63 -17.90 14.40
C GLN B 123 4.16 -17.10 13.19
N CYS B 124 5.04 -16.93 12.21
CA CYS B 124 4.69 -16.27 10.97
C CYS B 124 5.38 -16.84 9.74
N LYS B 125 4.59 -17.42 8.85
CA LYS B 125 5.11 -17.84 7.55
C LYS B 125 4.53 -16.94 6.45
N SER B 126 5.38 -16.61 5.48
CA SER B 126 4.99 -15.78 4.35
C SER B 126 4.51 -16.62 3.18
N LEU B 127 3.68 -16.02 2.33
CA LEU B 127 3.29 -16.66 1.08
C LEU B 127 4.49 -16.70 0.16
N PRO B 128 4.51 -17.67 -0.77
CA PRO B 128 5.65 -17.84 -1.69
C PRO B 128 6.09 -16.56 -2.37
N SER B 129 7.40 -16.37 -2.48
CA SER B 129 7.97 -15.20 -3.15
C SER B 129 9.30 -15.57 -3.80
N ASN B 130 9.77 -14.71 -4.70
CA ASN B 130 11.07 -14.88 -5.33
C ASN B 130 11.76 -13.54 -5.57
N PRO B 131 12.97 -13.37 -5.00
CA PRO B 131 13.57 -14.38 -4.14
C PRO B 131 13.00 -14.41 -2.71
N ALA B 132 13.71 -15.11 -1.84
CA ALA B 132 13.24 -15.34 -0.48
C ALA B 132 13.03 -14.04 0.29
N SER B 133 11.96 -14.02 1.08
CA SER B 133 11.59 -12.83 1.85
C SER B 133 12.10 -12.88 3.29
N GLN B 134 12.43 -11.73 3.84
CA GLN B 134 12.90 -11.61 5.21
C GLN B 134 11.77 -11.30 6.19
N ILE B 135 11.52 -12.22 7.12
CA ILE B 135 10.46 -11.99 8.10
C ILE B 135 10.97 -11.06 9.19
N THR B 136 10.21 -10.01 9.48
CA THR B 136 10.58 -9.06 10.52
C THR B 136 9.43 -8.88 11.50
N TRP B 137 9.74 -8.50 12.73
CA TRP B 137 8.69 -8.37 13.74
C TRP B 137 8.66 -7.00 14.36
N ILE B 138 7.45 -6.51 14.63
CA ILE B 138 7.28 -5.25 15.30
C ILE B 138 6.23 -5.40 16.40
N ILE B 139 6.65 -5.27 17.65
CA ILE B 139 5.73 -5.46 18.77
C ILE B 139 5.44 -4.15 19.52
N ASN B 140 4.18 -3.76 19.49
CA ASN B 140 3.73 -2.51 20.08
C ASN B 140 4.53 -1.28 19.59
N GLY B 141 4.74 -1.19 18.28
CA GLY B 141 5.39 -0.03 17.69
C GLY B 141 6.89 -0.01 17.85
N ARG B 142 7.41 -1.15 18.28
CA ARG B 142 8.84 -1.36 18.53
C ARG B 142 9.40 -2.48 17.66
N SER B 143 10.52 -2.19 16.99
CA SER B 143 11.22 -3.24 16.25
C SER B 143 11.86 -4.16 17.29
N VAL B 144 11.78 -5.46 17.05
CA VAL B 144 12.41 -6.42 17.94
C VAL B 144 13.56 -7.13 17.19
N PRO B 145 14.56 -7.63 17.93
CA PRO B 145 15.67 -8.35 17.29
C PRO B 145 15.15 -9.51 16.44
N THR B 146 15.61 -9.56 15.21
CA THR B 146 15.10 -10.52 14.23
C THR B 146 15.50 -11.94 14.56
N PRO B 147 14.51 -12.82 14.74
CA PRO B 147 14.78 -14.24 14.96
C PRO B 147 15.34 -14.88 13.71
N THR B 148 16.08 -15.97 13.86
CA THR B 148 16.53 -16.72 12.71
C THR B 148 15.30 -17.27 12.01
N GLN B 149 15.33 -17.31 10.68
CA GLN B 149 14.16 -17.78 9.94
C GLN B 149 14.49 -19.04 9.14
N ARG B 150 13.47 -19.85 8.91
CA ARG B 150 13.62 -21.06 8.10
C ARG B 150 13.00 -20.82 6.73
N GLU B 151 13.71 -21.16 5.66
CA GLU B 151 13.17 -20.98 4.31
C GLU B 151 12.80 -22.32 3.66
N PHE B 152 11.60 -22.38 3.09
CA PHE B 152 11.09 -23.60 2.44
C PHE B 152 10.88 -23.39 0.95
N VAL B 153 11.10 -24.44 0.17
CA VAL B 153 10.93 -24.36 -1.27
C VAL B 153 9.60 -24.96 -1.72
N VAL B 154 8.80 -24.17 -2.43
CA VAL B 154 7.52 -24.59 -2.96
C VAL B 154 7.58 -24.56 -4.49
N GLU B 155 6.50 -24.94 -5.17
CA GLU B 155 6.52 -25.04 -6.64
C GLU B 155 6.80 -23.74 -7.41
N ASN B 156 6.20 -22.64 -6.99
CA ASN B 156 6.39 -21.39 -7.72
C ASN B 156 6.92 -20.24 -6.88
N GLY B 157 7.80 -20.57 -5.94
CA GLY B 157 8.41 -19.55 -5.10
C GLY B 157 9.07 -20.13 -3.87
N ILE B 158 9.39 -19.27 -2.91
CA ILE B 158 10.03 -19.68 -1.67
C ILE B 158 9.28 -19.10 -0.46
N VAL B 159 9.08 -19.94 0.55
CA VAL B 159 8.34 -19.55 1.75
C VAL B 159 9.24 -19.38 2.96
N SER B 160 9.21 -18.20 3.57
CA SER B 160 9.99 -17.96 4.78
C SER B 160 9.12 -18.10 6.02
N SER B 161 9.71 -18.54 7.14
CA SER B 161 8.96 -18.78 8.37
C SER B 161 9.77 -18.39 9.62
N SER B 162 9.11 -17.73 10.58
CA SER B 162 9.78 -17.22 11.78
C SER B 162 8.93 -17.31 13.03
N ASN B 163 9.58 -17.63 14.14
CA ASN B 163 8.92 -17.69 15.44
C ASN B 163 9.45 -16.57 16.31
N VAL B 164 8.56 -15.94 17.05
CA VAL B 164 8.96 -14.91 17.99
C VAL B 164 8.34 -15.18 19.35
N SER B 165 9.02 -14.76 20.40
CA SER B 165 8.51 -14.99 21.75
C SER B 165 8.10 -13.66 22.37
N VAL B 166 6.88 -13.62 22.88
CA VAL B 166 6.38 -12.43 23.54
C VAL B 166 6.27 -12.67 25.04
N HIS B 167 6.92 -11.80 25.81
CA HIS B 167 6.89 -11.90 27.27
C HIS B 167 6.13 -10.72 27.86
N SER B 168 5.10 -10.99 28.64
CA SER B 168 4.29 -9.92 29.21
C SER B 168 4.97 -9.27 30.43
N ASN B 169 6.12 -9.80 30.83
CA ASN B 169 6.89 -9.24 31.93
C ASN B 169 7.43 -7.85 31.62
N GLU B 170 7.80 -7.66 30.36
CA GLU B 170 8.29 -6.38 29.84
C GLU B 170 7.20 -5.33 29.80
N LEU B 171 5.97 -5.77 29.53
CA LEU B 171 4.84 -4.87 29.45
C LEU B 171 4.34 -4.44 30.82
N SER B 172 3.60 -3.34 30.86
CA SER B 172 3.07 -2.80 32.11
C SER B 172 1.94 -3.65 32.67
N VAL B 173 1.63 -3.44 33.94
CA VAL B 173 0.53 -4.17 34.57
C VAL B 173 -0.77 -3.60 34.02
N GLU B 174 -0.70 -2.36 33.53
CA GLU B 174 -1.83 -1.71 32.89
C GLU B 174 -1.73 -1.80 31.37
N ALA B 175 -1.01 -2.81 30.88
CA ALA B 175 -0.90 -3.01 29.44
C ALA B 175 -2.00 -3.97 29.05
N HIS B 176 -2.95 -3.47 28.27
CA HIS B 176 -4.15 -4.23 28.00
C HIS B 176 -4.00 -5.23 26.86
N GLN B 177 -3.29 -4.87 25.79
CA GLN B 177 -3.12 -5.83 24.71
C GLN B 177 -1.77 -5.70 24.03
N ILE B 178 -1.38 -6.76 23.32
CA ILE B 178 -0.10 -6.76 22.63
C ILE B 178 -0.34 -6.83 21.13
N ASN B 179 0.09 -5.79 20.44
CA ASN B 179 -0.01 -5.75 18.98
C ASN B 179 1.24 -6.35 18.37
N VAL B 180 1.08 -7.48 17.71
CA VAL B 180 2.21 -8.19 17.12
C VAL B 180 2.11 -8.09 15.61
N GLU B 181 3.10 -7.47 15.00
CA GLU B 181 3.05 -7.27 13.56
C GLU B 181 4.15 -8.02 12.86
N CYS B 182 3.77 -8.77 11.84
CA CYS B 182 4.68 -9.52 11.01
C CYS B 182 4.86 -8.81 9.68
N MET B 183 6.05 -8.92 9.10
CA MET B 183 6.33 -8.28 7.81
C MET B 183 7.35 -9.06 6.98
N ALA B 184 6.96 -9.43 5.76
CA ALA B 184 7.85 -10.12 4.83
C ALA B 184 8.37 -9.16 3.76
N THR B 185 9.65 -9.28 3.41
CA THR B 185 10.27 -8.31 2.51
C THR B 185 11.29 -8.92 1.55
N ASN B 186 11.13 -8.64 0.27
CA ASN B 186 12.12 -9.00 -0.76
C ASN B 186 12.40 -7.77 -1.63
N PRO B 187 13.40 -7.85 -2.54
CA PRO B 187 13.70 -6.70 -3.40
C PRO B 187 12.51 -6.18 -4.21
N GLU B 188 11.48 -7.00 -4.38
CA GLU B 188 10.30 -6.62 -5.16
C GLU B 188 9.29 -5.77 -4.39
N GLY B 189 8.84 -6.26 -3.23
CA GLY B 189 7.94 -5.51 -2.38
C GLY B 189 7.84 -6.08 -0.98
N SER B 190 6.79 -5.71 -0.26
CA SER B 190 6.59 -6.22 1.10
C SER B 190 5.11 -6.32 1.43
N SER B 191 4.78 -7.09 2.46
CA SER B 191 3.39 -7.24 2.91
C SER B 191 3.36 -7.56 4.40
N ALA B 192 2.41 -6.96 5.12
CA ALA B 192 2.32 -7.15 6.55
C ALA B 192 0.95 -7.61 7.02
N LYS B 193 0.90 -8.14 8.23
CA LYS B 193 -0.35 -8.54 8.88
C LYS B 193 -0.16 -8.44 10.41
N GLN B 194 -1.22 -8.09 11.12
CA GLN B 194 -1.09 -7.86 12.56
C GLN B 194 -1.97 -8.77 13.39
N HIS B 195 -1.35 -9.46 14.36
CA HIS B 195 -2.08 -10.31 15.29
C HIS B 195 -2.15 -9.61 16.66
N VAL B 196 -3.36 -9.56 17.23
CA VAL B 196 -3.57 -8.88 18.50
C VAL B 196 -3.80 -9.86 19.66
N ILE B 197 -2.98 -9.76 20.69
CA ILE B 197 -3.10 -10.62 21.87
C ILE B 197 -3.66 -9.86 23.05
N LYS B 198 -4.79 -10.33 23.60
CA LYS B 198 -5.39 -9.67 24.75
C LYS B 198 -4.70 -10.19 26.01
N ILE B 199 -4.62 -9.34 27.03
CA ILE B 199 -3.98 -9.76 28.27
C ILE B 199 -5.02 -9.96 29.37
N ILE B 200 -5.16 -11.22 29.80
CA ILE B 200 -6.13 -11.59 30.82
C ILE B 200 -5.44 -11.78 32.16
N ALA B 201 -6.21 -11.67 33.24
CA ALA B 201 -5.66 -11.76 34.59
C ALA B 201 -5.28 -13.21 34.95
N PRO B 202 -4.43 -13.38 35.98
CA PRO B 202 -4.12 -14.74 36.43
C PRO B 202 -5.17 -15.27 37.42
N ASP C 6 16.14 -29.14 -36.25
CA ASP C 6 15.94 -29.16 -34.80
C ASP C 6 15.55 -27.80 -34.23
N PRO C 7 14.84 -27.79 -33.08
CA PRO C 7 14.39 -26.54 -32.48
C PRO C 7 15.44 -25.76 -31.66
N THR C 8 15.47 -24.44 -31.83
CA THR C 8 16.34 -23.57 -31.03
C THR C 8 15.47 -22.46 -30.43
N VAL C 9 15.62 -22.20 -29.13
CA VAL C 9 14.81 -21.17 -28.47
C VAL C 9 15.63 -20.00 -27.95
N GLU C 10 15.03 -18.81 -27.95
CA GLU C 10 15.68 -17.60 -27.46
C GLU C 10 14.68 -16.58 -26.93
N ILE C 11 15.15 -15.74 -26.00
CA ILE C 11 14.33 -14.66 -25.46
C ILE C 11 14.71 -13.34 -26.14
N LEU C 12 13.70 -12.55 -26.54
CA LEU C 12 13.98 -11.29 -27.23
C LEU C 12 13.80 -10.09 -26.32
N ARG C 13 14.91 -9.39 -26.07
CA ARG C 13 14.91 -8.12 -25.34
C ARG C 13 14.16 -7.03 -26.11
N ASN C 14 13.52 -6.12 -25.37
CA ASN C 14 12.77 -4.99 -25.93
C ASN C 14 11.47 -5.43 -26.62
N PRO C 15 10.60 -4.48 -27.02
CA PRO C 15 10.59 -3.03 -26.81
C PRO C 15 9.56 -2.54 -25.79
N SER C 16 10.04 -2.05 -24.65
CA SER C 16 9.16 -1.48 -23.63
C SER C 16 9.86 -0.37 -22.86
N ALA C 17 9.12 0.66 -22.49
CA ALA C 17 9.68 1.73 -21.67
C ALA C 17 10.08 1.15 -20.31
N LEU C 18 11.08 1.76 -19.69
CA LEU C 18 11.50 1.32 -18.36
C LEU C 18 10.32 1.38 -17.41
N ARG C 19 10.24 0.40 -16.52
CA ARG C 19 9.08 0.28 -15.65
C ARG C 19 9.46 0.34 -14.16
N SER C 20 8.74 1.18 -13.43
CA SER C 20 8.76 1.25 -11.95
C SER C 20 10.18 1.29 -11.35
N GLY C 21 10.57 0.23 -10.63
CA GLY C 21 11.94 0.09 -10.19
C GLY C 21 12.59 -1.24 -10.51
N ASP C 22 13.41 -1.27 -11.56
CA ASP C 22 14.11 -2.49 -11.96
C ASP C 22 15.54 -2.18 -12.35
N ASN C 23 16.37 -3.20 -12.40
CA ASN C 23 17.81 -3.03 -12.58
C ASN C 23 18.16 -2.63 -14.01
N VAL C 24 18.13 -1.32 -14.25
CA VAL C 24 18.47 -0.80 -15.57
C VAL C 24 19.94 -0.41 -15.62
N THR C 25 20.55 -0.65 -16.77
CA THR C 25 21.94 -0.28 -16.95
C THR C 25 22.12 0.57 -18.20
N ILE C 26 22.75 1.72 -18.02
CA ILE C 26 23.03 2.63 -19.11
C ILE C 26 24.53 2.80 -19.27
N ALA C 27 24.97 2.94 -20.53
CA ALA C 27 26.40 2.98 -20.84
C ALA C 27 26.83 4.25 -21.57
N CYS C 28 28.09 4.64 -21.36
CA CYS C 28 28.67 5.82 -22.00
C CYS C 28 30.02 5.52 -22.65
N SER C 29 30.06 5.55 -23.98
CA SER C 29 31.30 5.31 -24.72
C SER C 29 31.97 6.65 -25.04
N VAL C 30 33.29 6.64 -25.14
CA VAL C 30 34.06 7.85 -25.43
C VAL C 30 35.20 7.57 -26.40
N THR C 31 35.41 8.50 -27.33
CA THR C 31 36.52 8.39 -28.26
C THR C 31 37.74 9.06 -27.66
N GLY C 32 38.85 8.32 -27.62
CA GLY C 32 40.02 8.74 -26.88
C GLY C 32 40.56 10.07 -27.36
N GLY C 33 40.95 10.92 -26.42
CA GLY C 33 41.57 12.18 -26.77
C GLY C 33 42.90 12.33 -26.06
N ASN C 34 43.57 13.46 -26.30
CA ASN C 34 44.85 13.72 -25.65
C ASN C 34 44.78 15.02 -24.84
N PRO C 35 45.01 14.92 -23.52
CA PRO C 35 45.28 13.71 -22.75
C PRO C 35 44.02 12.87 -22.52
N PRO C 36 44.18 11.57 -22.21
CA PRO C 36 43.04 10.69 -21.90
C PRO C 36 42.14 11.27 -20.82
N PRO C 37 40.86 11.52 -21.15
CA PRO C 37 39.90 12.19 -20.27
C PRO C 37 39.28 11.27 -19.22
N ASP C 38 38.84 11.83 -18.11
CA ASP C 38 38.08 11.08 -17.12
C ASP C 38 36.61 11.15 -17.48
N VAL C 39 35.89 10.03 -17.30
CA VAL C 39 34.49 9.99 -17.67
C VAL C 39 33.59 9.73 -16.46
N PHE C 40 32.67 10.66 -16.22
CA PHE C 40 31.73 10.55 -15.12
C PHE C 40 30.29 10.74 -15.57
N TRP C 41 29.37 10.04 -14.92
CA TRP C 41 27.94 10.24 -15.15
C TRP C 41 27.40 11.34 -14.24
N TYR C 42 26.45 12.12 -14.76
CA TYR C 42 25.91 13.22 -14.00
C TYR C 42 24.38 13.18 -14.01
N HIS C 43 23.80 12.89 -12.84
CA HIS C 43 22.35 12.90 -12.67
C HIS C 43 21.89 14.18 -12.02
N GLU C 44 21.05 14.94 -12.73
CA GLU C 44 20.56 16.22 -12.23
C GLU C 44 21.73 17.12 -11.87
N ASN C 45 22.72 17.20 -12.75
CA ASN C 45 23.92 18.00 -12.51
C ASN C 45 24.66 17.55 -11.26
N LYS C 46 24.77 16.23 -11.07
CA LYS C 46 25.51 15.69 -9.93
C LYS C 46 26.49 14.63 -10.41
N ARG C 47 27.78 14.82 -10.16
CA ARG C 47 28.75 13.83 -10.59
C ARG C 47 28.48 12.57 -9.79
N LEU C 48 27.99 11.54 -10.48
CA LEU C 48 27.61 10.29 -9.82
C LEU C 48 28.79 9.47 -9.32
N GLN C 49 28.57 8.78 -8.21
CA GLN C 49 29.58 7.90 -7.61
C GLN C 49 29.57 6.56 -8.35
N SER C 50 30.42 6.48 -9.37
CA SER C 50 30.56 5.28 -10.17
C SER C 50 31.97 5.16 -10.73
N HIS C 51 32.43 3.91 -10.88
CA HIS C 51 33.76 3.65 -11.41
C HIS C 51 33.75 3.71 -12.94
N SER C 52 34.87 4.15 -13.49
CA SER C 52 35.08 4.18 -14.94
C SER C 52 36.21 3.24 -15.29
N THR C 53 36.04 2.44 -16.33
CA THR C 53 37.08 1.47 -16.66
C THR C 53 37.67 1.81 -18.02
N LEU C 54 39.00 1.76 -18.08
CA LEU C 54 39.74 2.12 -19.26
C LEU C 54 40.38 0.94 -19.91
N ASP C 55 40.15 0.79 -21.20
CA ASP C 55 40.83 -0.29 -21.92
C ASP C 55 42.22 0.20 -22.30
N THR C 56 43.22 -0.64 -22.03
CA THR C 56 44.60 -0.26 -22.31
C THR C 56 44.94 -0.36 -23.80
N ARG C 57 44.51 -1.44 -24.46
CA ARG C 57 44.87 -1.65 -25.86
C ARG C 57 44.17 -0.67 -26.84
N SER C 58 42.84 -0.60 -26.81
CA SER C 58 42.11 0.27 -27.73
C SER C 58 42.19 1.73 -27.35
N LYS C 59 42.39 1.96 -26.05
CA LYS C 59 42.39 3.29 -25.46
C LYS C 59 40.96 3.83 -25.47
N GLU C 60 40.00 2.92 -25.38
CA GLU C 60 38.60 3.30 -25.34
C GLU C 60 38.09 3.30 -23.91
N ILE C 61 37.62 4.47 -23.49
CA ILE C 61 37.06 4.65 -22.16
C ILE C 61 35.56 4.41 -22.16
N LYS C 62 35.14 3.44 -21.38
CA LYS C 62 33.73 3.07 -21.30
C LYS C 62 33.23 3.27 -19.88
N ASN C 63 32.00 3.74 -19.72
CA ASN C 63 31.43 3.92 -18.39
C ASN C 63 30.07 3.23 -18.32
N ILE C 64 30.02 2.16 -17.53
CA ILE C 64 28.80 1.37 -17.39
C ILE C 64 28.19 1.68 -16.04
N TYR C 65 26.97 2.19 -16.06
CA TYR C 65 26.28 2.57 -14.84
C TYR C 65 25.00 1.78 -14.65
N SER C 66 24.94 1.04 -13.56
CA SER C 66 23.75 0.28 -13.23
C SER C 66 23.07 0.81 -11.97
N PHE C 67 21.76 0.97 -12.03
CA PHE C 67 20.99 1.44 -10.89
C PHE C 67 19.56 0.91 -11.00
N ILE C 68 18.84 0.87 -9.88
CA ILE C 68 17.45 0.48 -9.92
C ILE C 68 16.59 1.70 -10.20
N ALA C 69 15.66 1.55 -11.14
CA ALA C 69 14.83 2.66 -11.56
C ALA C 69 14.00 3.18 -10.41
N SER C 70 13.64 4.45 -10.48
CA SER C 70 12.83 5.06 -9.44
C SER C 70 11.79 5.94 -10.07
N GLN C 71 10.60 5.96 -9.48
CA GLN C 71 9.56 6.84 -9.95
C GLN C 71 9.98 8.27 -9.60
N ASN C 72 10.61 8.42 -8.44
CA ASN C 72 11.01 9.71 -7.89
C ASN C 72 11.92 10.50 -8.83
N ASP C 73 12.74 9.79 -9.58
CA ASP C 73 13.56 10.42 -10.60
C ASP C 73 13.30 9.73 -11.94
N ASN C 74 14.36 9.65 -12.74
CA ASN C 74 14.37 8.86 -13.98
C ASN C 74 13.41 9.38 -15.05
N MET C 75 12.71 10.47 -14.74
CA MET C 75 12.02 11.26 -15.75
C MET C 75 12.89 12.47 -16.08
N ALA C 76 14.11 12.46 -15.54
CA ALA C 76 15.05 13.57 -15.61
C ALA C 76 16.23 13.24 -16.51
N GLU C 77 17.22 14.12 -16.51
CA GLU C 77 18.31 14.07 -17.49
C GLU C 77 19.57 13.36 -16.99
N TYR C 78 20.20 12.60 -17.89
CA TYR C 78 21.46 11.94 -17.59
C TYR C 78 22.54 12.38 -18.57
N GLU C 79 23.56 13.08 -18.08
CA GLU C 79 24.60 13.59 -18.97
C GLU C 79 25.96 12.94 -18.75
N CYS C 80 26.73 12.81 -19.82
CA CYS C 80 28.08 12.25 -19.74
C CYS C 80 29.07 13.37 -20.03
N ARG C 81 30.20 13.37 -19.34
CA ARG C 81 31.19 14.45 -19.51
C ARG C 81 32.61 13.91 -19.72
N ALA C 82 33.37 14.62 -20.55
CA ALA C 82 34.78 14.33 -20.80
C ALA C 82 35.63 15.46 -20.24
N ASN C 83 36.74 15.13 -19.58
CA ASN C 83 37.47 16.13 -18.83
C ASN C 83 38.89 16.33 -19.38
N ASN C 84 39.27 17.59 -19.63
CA ASN C 84 40.63 17.92 -20.09
C ASN C 84 41.18 19.15 -19.37
N SER C 85 41.60 18.95 -18.12
CA SER C 85 42.09 20.01 -17.24
C SER C 85 41.04 21.12 -17.04
N ARG C 86 41.50 22.36 -16.97
CA ARG C 86 40.62 23.50 -16.80
C ARG C 86 39.89 23.83 -18.10
N PRO C 90 34.09 21.67 -21.59
CA PRO C 90 33.98 20.21 -21.52
C PRO C 90 32.83 19.66 -22.36
N LYS C 91 33.14 18.79 -23.31
CA LYS C 91 32.10 18.19 -24.16
C LYS C 91 31.19 17.27 -23.34
N ARG C 92 29.88 17.50 -23.44
CA ARG C 92 28.89 16.78 -22.66
C ARG C 92 27.71 16.31 -23.50
N LYS C 93 27.06 15.23 -23.08
CA LYS C 93 25.90 14.67 -23.79
C LYS C 93 24.86 14.07 -22.85
N ALA C 94 23.68 14.68 -22.83
CA ALA C 94 22.61 14.28 -21.92
C ALA C 94 21.66 13.23 -22.51
N MET C 95 20.74 12.76 -21.68
CA MET C 95 19.77 11.72 -22.08
C MET C 95 18.56 11.68 -21.13
N LYS C 96 17.41 12.15 -21.60
CA LYS C 96 16.19 12.09 -20.79
C LYS C 96 15.49 10.74 -20.93
N LEU C 97 15.14 10.13 -19.80
CA LEU C 97 14.50 8.81 -19.80
C LEU C 97 13.00 8.85 -19.52
N GLU C 98 12.33 7.77 -19.88
CA GLU C 98 10.90 7.61 -19.62
C GLU C 98 10.66 6.35 -18.78
N VAL C 99 10.12 6.55 -17.58
CA VAL C 99 9.85 5.46 -16.66
C VAL C 99 8.39 5.37 -16.28
N ASN C 100 7.79 4.22 -16.56
CA ASN C 100 6.42 3.94 -16.16
C ASN C 100 6.30 3.52 -14.70
N TYR C 101 5.28 4.05 -14.02
CA TYR C 101 4.99 3.67 -12.65
C TYR C 101 3.54 4.01 -12.36
N PRO C 102 2.84 3.17 -11.57
CA PRO C 102 1.42 3.33 -11.26
C PRO C 102 1.10 4.44 -10.26
N PRO C 103 -0.15 4.95 -10.29
CA PRO C 103 -0.60 5.93 -9.30
C PRO C 103 -0.68 5.32 -7.90
N ALA C 104 -0.08 5.98 -6.92
CA ALA C 104 -0.06 5.48 -5.55
C ALA C 104 -1.49 5.38 -5.00
N SER C 105 -2.22 6.50 -5.07
CA SER C 105 -3.59 6.54 -4.59
C SER C 105 -4.37 7.62 -5.33
N VAL C 106 -5.61 7.84 -4.90
CA VAL C 106 -6.41 8.92 -5.44
C VAL C 106 -7.03 9.73 -4.31
N GLU C 107 -7.44 10.95 -4.64
CA GLU C 107 -8.03 11.86 -3.66
C GLU C 107 -9.35 12.40 -4.18
N LEU C 108 -10.40 12.27 -3.38
CA LEU C 108 -11.71 12.78 -3.78
C LEU C 108 -11.99 14.15 -3.17
N PHE C 109 -12.72 14.97 -3.92
CA PHE C 109 -13.10 16.31 -3.48
C PHE C 109 -14.58 16.57 -3.71
N GLY C 110 -15.28 17.01 -2.68
CA GLY C 110 -16.72 17.29 -2.79
C GLY C 110 -17.40 17.31 -1.43
N GLU C 111 -18.66 17.70 -1.40
CA GLU C 111 -19.39 17.78 -0.14
C GLU C 111 -19.61 16.39 0.45
N SER C 112 -19.67 16.31 1.78
CA SER C 112 -19.93 15.05 2.47
C SER C 112 -21.39 14.94 2.90
N ASN C 113 -22.08 16.07 2.95
CA ASN C 113 -23.49 16.11 3.35
C ASN C 113 -24.29 17.00 2.42
N ILE C 114 -25.36 16.46 1.84
CA ILE C 114 -26.24 17.29 1.01
C ILE C 114 -27.69 17.13 1.41
N ARG C 115 -28.44 18.24 1.34
CA ARG C 115 -29.87 18.20 1.60
C ARG C 115 -30.54 17.53 0.42
N TYR C 116 -31.54 16.70 0.70
CA TYR C 116 -32.20 15.93 -0.35
C TYR C 116 -32.76 16.88 -1.39
N GLY C 117 -32.57 16.52 -2.65
CA GLY C 117 -33.01 17.36 -3.75
C GLY C 117 -31.87 18.17 -4.34
N SER C 118 -30.96 18.62 -3.49
CA SER C 118 -29.80 19.36 -3.98
C SER C 118 -28.80 18.40 -4.63
N SER C 119 -27.94 18.93 -5.48
CA SER C 119 -26.95 18.11 -6.19
C SER C 119 -25.55 18.40 -5.72
N ALA C 120 -24.65 17.45 -5.96
CA ALA C 120 -23.26 17.61 -5.56
C ALA C 120 -22.33 17.31 -6.74
N ASN C 121 -21.26 18.08 -6.83
CA ASN C 121 -20.25 17.84 -7.86
C ASN C 121 -19.02 17.27 -7.18
N ILE C 122 -18.62 16.08 -7.60
CA ILE C 122 -17.51 15.39 -6.95
C ILE C 122 -16.30 15.33 -7.85
N GLN C 123 -15.17 15.78 -7.32
CA GLN C 123 -13.91 15.79 -8.06
C GLN C 123 -13.01 14.65 -7.61
N CYS C 124 -12.24 14.11 -8.53
CA CYS C 124 -11.25 13.08 -8.18
C CYS C 124 -9.99 13.26 -9.01
N LYS C 125 -8.90 13.62 -8.33
CA LYS C 125 -7.58 13.75 -8.95
C LYS C 125 -6.69 12.61 -8.50
N SER C 126 -5.94 12.03 -9.43
CA SER C 126 -5.04 10.92 -9.10
C SER C 126 -3.66 11.45 -8.71
N LEU C 127 -2.95 10.68 -7.91
CA LEU C 127 -1.56 10.99 -7.61
C LEU C 127 -0.73 10.85 -8.88
N PRO C 128 0.38 11.59 -8.99
CA PRO C 128 1.21 11.57 -10.20
C PRO C 128 1.53 10.15 -10.64
N SER C 129 1.46 9.91 -11.95
CA SER C 129 1.79 8.60 -12.50
C SER C 129 2.33 8.73 -13.92
N ASN C 130 2.90 7.64 -14.42
CA ASN C 130 3.40 7.58 -15.79
C ASN C 130 3.11 6.21 -16.38
N PRO C 131 2.36 6.16 -17.49
CA PRO C 131 1.75 7.31 -18.17
C PRO C 131 0.48 7.84 -17.48
N ALA C 132 -0.28 8.65 -18.21
CA ALA C 132 -1.50 9.25 -17.68
C ALA C 132 -2.52 8.17 -17.34
N SER C 133 -3.18 8.33 -16.21
CA SER C 133 -4.17 7.37 -15.77
C SER C 133 -5.57 7.82 -16.13
N GLN C 134 -6.43 6.89 -16.49
CA GLN C 134 -7.81 7.24 -16.81
C GLN C 134 -8.73 7.10 -15.61
N ILE C 135 -9.31 8.22 -15.21
CA ILE C 135 -10.22 8.25 -14.07
C ILE C 135 -11.60 7.70 -14.45
N THR C 136 -12.13 6.80 -13.63
CA THR C 136 -13.47 6.26 -13.82
C THR C 136 -14.29 6.36 -12.54
N TRP C 137 -15.62 6.40 -12.68
CA TRP C 137 -16.51 6.58 -11.53
C TRP C 137 -17.50 5.45 -11.34
N ILE C 138 -17.76 5.11 -10.08
CA ILE C 138 -18.76 4.10 -9.73
C ILE C 138 -19.67 4.60 -8.60
N ILE C 139 -20.95 4.81 -8.92
CA ILE C 139 -21.95 5.33 -7.98
C ILE C 139 -23.00 4.27 -7.62
N ASN C 140 -23.10 3.94 -6.33
CA ASN C 140 -24.03 2.94 -5.85
C ASN C 140 -23.95 1.61 -6.60
N GLY C 141 -22.72 1.17 -6.88
CA GLY C 141 -22.48 -0.11 -7.51
C GLY C 141 -22.75 -0.10 -9.00
N ARG C 142 -22.95 1.09 -9.55
CA ARG C 142 -23.21 1.23 -10.98
C ARG C 142 -22.20 2.16 -11.62
N SER C 143 -21.55 1.71 -12.69
CA SER C 143 -20.61 2.56 -13.39
C SER C 143 -21.32 3.69 -14.13
N VAL C 144 -20.72 4.88 -14.08
CA VAL C 144 -21.26 6.03 -14.79
C VAL C 144 -20.28 6.44 -15.92
N PRO C 145 -20.79 7.09 -16.98
CA PRO C 145 -19.96 7.55 -18.10
C PRO C 145 -18.81 8.49 -17.71
N THR C 146 -17.61 8.17 -18.19
CA THR C 146 -16.40 8.91 -17.85
C THR C 146 -16.37 10.33 -18.44
N PRO C 147 -16.28 11.34 -17.56
CA PRO C 147 -16.14 12.77 -17.89
C PRO C 147 -14.78 13.11 -18.50
N THR C 148 -14.71 14.20 -19.26
CA THR C 148 -13.44 14.69 -19.80
C THR C 148 -12.50 15.08 -18.65
N GLN C 149 -11.22 14.76 -18.77
CA GLN C 149 -10.29 15.01 -17.66
C GLN C 149 -9.21 16.05 -17.93
N ARG C 150 -8.77 16.71 -16.86
CA ARG C 150 -7.68 17.70 -16.94
C ARG C 150 -6.37 17.12 -16.42
N GLU C 151 -5.33 17.26 -17.22
CA GLU C 151 -4.01 16.76 -16.87
C GLU C 151 -3.00 17.84 -16.53
N PHE C 152 -2.30 17.66 -15.41
CA PHE C 152 -1.26 18.58 -14.99
C PHE C 152 0.08 17.90 -15.03
N VAL C 153 1.11 18.64 -15.42
CA VAL C 153 2.45 18.10 -15.51
C VAL C 153 3.25 18.49 -14.29
N VAL C 154 3.75 17.48 -13.58
CA VAL C 154 4.57 17.72 -12.41
C VAL C 154 5.95 17.13 -12.59
N GLU C 155 6.81 17.36 -11.60
CA GLU C 155 8.14 16.79 -11.64
C GLU C 155 7.96 15.28 -11.54
N ASN C 156 8.49 14.55 -12.52
CA ASN C 156 8.43 13.09 -12.56
C ASN C 156 7.05 12.48 -12.78
N GLY C 157 6.18 13.16 -13.52
CA GLY C 157 4.89 12.58 -13.84
C GLY C 157 3.79 13.52 -14.29
N ILE C 158 2.57 12.97 -14.40
CA ILE C 158 1.40 13.73 -14.81
C ILE C 158 0.21 13.45 -13.88
N VAL C 159 -0.54 14.49 -13.54
CA VAL C 159 -1.69 14.37 -12.64
C VAL C 159 -3.00 14.52 -13.41
N SER C 160 -3.90 13.55 -13.26
CA SER C 160 -5.22 13.58 -13.92
C SER C 160 -6.31 14.13 -13.00
N SER C 161 -7.36 14.73 -13.58
CA SER C 161 -8.44 15.34 -12.80
C SER C 161 -9.82 15.16 -13.43
N SER C 162 -10.82 14.82 -12.61
CA SER C 162 -12.18 14.60 -13.14
C SER C 162 -13.31 15.01 -12.18
N ASN C 163 -14.38 15.57 -12.75
CA ASN C 163 -15.59 15.94 -12.01
C ASN C 163 -16.80 15.10 -12.41
N VAL C 164 -17.59 14.70 -11.41
CA VAL C 164 -18.84 13.98 -11.66
C VAL C 164 -19.96 14.66 -10.87
N SER C 165 -21.18 14.57 -11.38
CA SER C 165 -22.33 15.20 -10.71
C SER C 165 -23.33 14.16 -10.20
N VAL C 166 -23.65 14.25 -8.92
CA VAL C 166 -24.60 13.36 -8.29
C VAL C 166 -25.89 14.09 -7.97
N HIS C 167 -27.00 13.57 -8.47
CA HIS C 167 -28.29 14.19 -8.20
C HIS C 167 -29.16 13.28 -7.33
N SER C 168 -29.53 13.78 -6.16
CA SER C 168 -30.28 12.98 -5.20
C SER C 168 -31.75 12.88 -5.61
N ASN C 169 -32.12 13.59 -6.66
CA ASN C 169 -33.47 13.52 -7.19
C ASN C 169 -33.73 12.12 -7.76
N GLU C 170 -32.69 11.50 -8.33
CA GLU C 170 -32.81 10.14 -8.85
C GLU C 170 -32.99 9.11 -7.74
N LEU C 171 -32.40 9.37 -6.58
CA LEU C 171 -32.53 8.47 -5.44
C LEU C 171 -33.85 8.66 -4.71
N SER C 172 -34.22 7.65 -3.94
CA SER C 172 -35.47 7.70 -3.19
C SER C 172 -35.39 8.70 -2.05
N VAL C 173 -36.54 9.07 -1.51
CA VAL C 173 -36.60 10.02 -0.39
C VAL C 173 -36.19 9.30 0.88
N GLU C 174 -36.26 7.97 0.86
CA GLU C 174 -35.83 7.18 2.00
C GLU C 174 -34.39 6.67 1.84
N ALA C 175 -33.61 7.39 1.05
CA ALA C 175 -32.20 7.07 0.83
C ALA C 175 -31.30 7.88 1.75
N HIS C 176 -30.61 7.19 2.65
CA HIS C 176 -29.80 7.85 3.67
C HIS C 176 -28.46 8.31 3.13
N GLN C 177 -27.83 7.47 2.30
CA GLN C 177 -26.51 7.82 1.77
C GLN C 177 -26.25 7.28 0.38
N ILE C 178 -25.24 7.86 -0.26
CA ILE C 178 -24.82 7.48 -1.60
C ILE C 178 -23.36 7.02 -1.57
N ASN C 179 -23.08 5.80 -2.01
CA ASN C 179 -21.71 5.28 -2.07
C ASN C 179 -20.99 5.74 -3.33
N VAL C 180 -19.96 6.56 -3.18
CA VAL C 180 -19.22 7.07 -4.35
C VAL C 180 -17.79 6.54 -4.45
N GLU C 181 -17.49 5.77 -5.50
CA GLU C 181 -16.13 5.24 -5.67
C GLU C 181 -15.45 5.79 -6.90
N CYS C 182 -14.23 6.30 -6.68
CA CYS C 182 -13.41 6.83 -7.77
C CYS C 182 -12.29 5.84 -8.08
N MET C 183 -11.83 5.81 -9.34
CA MET C 183 -10.77 4.88 -9.72
C MET C 183 -9.87 5.37 -10.86
N ALA C 184 -8.56 5.41 -10.60
CA ALA C 184 -7.58 5.77 -11.61
C ALA C 184 -6.83 4.53 -12.11
N THR C 185 -6.55 4.48 -13.40
CA THR C 185 -5.90 3.31 -14.01
C THR C 185 -4.97 3.69 -15.17
N ASN C 186 -3.74 3.18 -15.09
CA ASN C 186 -2.77 3.26 -16.19
C ASN C 186 -2.21 1.85 -16.44
N PRO C 187 -1.43 1.67 -17.51
CA PRO C 187 -0.88 0.34 -17.80
C PRO C 187 -0.10 -0.32 -16.65
N GLU C 188 0.33 0.45 -15.67
CA GLU C 188 1.12 -0.10 -14.56
C GLU C 188 0.27 -0.80 -13.48
N GLY C 189 -0.69 -0.05 -12.95
CA GLY C 189 -1.57 -0.58 -11.93
C GLY C 189 -2.78 0.30 -11.78
N SER C 190 -3.45 0.20 -10.63
CA SER C 190 -4.62 1.02 -10.36
C SER C 190 -4.76 1.31 -8.88
N SER C 191 -5.59 2.30 -8.57
CA SER C 191 -5.87 2.63 -7.18
C SER C 191 -7.26 3.24 -7.09
N ALA C 192 -8.00 2.84 -6.07
CA ALA C 192 -9.36 3.32 -5.89
C ALA C 192 -9.54 3.86 -4.48
N LYS C 193 -10.58 4.67 -4.30
CA LYS C 193 -10.93 5.18 -2.98
C LYS C 193 -12.42 5.48 -2.94
N GLN C 194 -13.05 5.18 -1.80
CA GLN C 194 -14.49 5.35 -1.67
C GLN C 194 -14.84 6.29 -0.54
N HIS C 195 -15.51 7.40 -0.88
CA HIS C 195 -15.99 8.33 0.14
C HIS C 195 -17.53 8.30 0.12
N VAL C 196 -18.15 8.26 1.30
CA VAL C 196 -19.61 8.17 1.41
C VAL C 196 -20.28 9.50 1.73
N ILE C 197 -21.28 9.86 0.92
CA ILE C 197 -22.01 11.10 1.16
C ILE C 197 -23.37 10.84 1.81
N LYS C 198 -23.58 11.39 3.01
CA LYS C 198 -24.86 11.23 3.67
C LYS C 198 -25.83 12.27 3.17
N ILE C 199 -27.10 11.89 3.13
CA ILE C 199 -28.18 12.76 2.70
C ILE C 199 -29.00 13.18 3.89
N ILE C 200 -29.05 14.48 4.12
CA ILE C 200 -29.82 15.02 5.22
C ILE C 200 -31.15 15.59 4.68
N ALA C 201 -32.17 15.62 5.52
CA ALA C 201 -33.49 16.10 5.08
C ALA C 201 -33.51 17.62 4.96
N ASP D 2 -25.50 -5.45 50.51
CA ASP D 2 -26.42 -4.53 49.84
C ASP D 2 -26.11 -4.46 48.35
N PRO D 3 -27.07 -3.94 47.55
CA PRO D 3 -26.84 -3.95 46.11
C PRO D 3 -26.25 -2.65 45.56
N PRO D 4 -25.13 -2.75 44.83
CA PRO D 4 -24.64 -1.60 44.07
C PRO D 4 -25.59 -1.35 42.90
N SER D 5 -25.74 -0.11 42.45
CA SER D 5 -26.64 0.14 41.33
C SER D 5 -26.10 -0.60 40.13
N ASP D 6 -26.99 -1.02 39.23
CA ASP D 6 -26.58 -1.85 38.10
C ASP D 6 -25.41 -1.18 37.40
N PRO D 7 -24.55 -1.98 36.77
CA PRO D 7 -23.38 -1.36 36.14
C PRO D 7 -23.78 -0.65 34.86
N THR D 8 -23.17 0.49 34.62
CA THR D 8 -23.45 1.23 33.41
C THR D 8 -22.16 1.40 32.64
N VAL D 9 -22.22 1.10 31.34
CA VAL D 9 -21.03 1.16 30.52
C VAL D 9 -21.18 2.27 29.48
N GLU D 10 -20.06 2.87 29.12
CA GLU D 10 -20.04 3.98 28.18
C GLU D 10 -18.70 4.05 27.47
N ILE D 11 -18.70 4.64 26.28
CA ILE D 11 -17.45 4.86 25.58
C ILE D 11 -17.00 6.29 25.81
N LEU D 12 -15.74 6.44 26.17
CA LEU D 12 -15.13 7.73 26.45
C LEU D 12 -14.26 8.09 25.27
N ARG D 13 -14.52 9.22 24.63
CA ARG D 13 -13.60 9.64 23.60
C ARG D 13 -12.27 9.85 24.31
N ASN D 14 -11.18 9.48 23.64
CA ASN D 14 -9.87 9.57 24.27
C ASN D 14 -9.21 10.89 23.95
N PRO D 15 -8.10 11.17 24.64
CA PRO D 15 -7.32 12.28 24.10
C PRO D 15 -6.17 11.65 23.35
N SER D 16 -6.28 11.70 22.03
CA SER D 16 -5.28 11.13 21.14
C SER D 16 -5.25 11.99 19.91
N ALA D 17 -4.07 12.13 19.33
CA ALA D 17 -3.95 12.91 18.12
C ALA D 17 -4.80 12.32 17.00
N LEU D 18 -5.24 13.20 16.14
CA LEU D 18 -5.99 12.82 14.94
C LEU D 18 -5.10 11.90 14.13
N ARG D 19 -5.66 10.87 13.50
CA ARG D 19 -4.78 9.98 12.75
C ARG D 19 -5.15 9.88 11.27
N SER D 20 -4.11 9.87 10.44
CA SER D 20 -4.23 9.51 9.03
C SER D 20 -5.36 10.26 8.35
N GLY D 21 -6.41 9.53 8.01
CA GLY D 21 -7.63 10.16 7.56
C GLY D 21 -8.90 9.70 8.27
N ASP D 22 -9.44 10.52 9.16
CA ASP D 22 -10.67 10.17 9.85
C ASP D 22 -11.66 11.32 9.91
N ASN D 23 -12.91 11.01 10.21
CA ASN D 23 -14.01 11.97 10.12
C ASN D 23 -13.89 13.01 11.22
N VAL D 24 -13.15 14.05 10.90
CA VAL D 24 -12.96 15.17 11.79
C VAL D 24 -13.97 16.25 11.47
N THR D 25 -14.50 16.88 12.51
CA THR D 25 -15.41 17.99 12.31
C THR D 25 -14.85 19.16 13.10
N ILE D 26 -14.71 20.30 12.44
CA ILE D 26 -14.20 21.48 13.14
C ILE D 26 -15.34 22.50 13.13
N ALA D 27 -15.43 23.26 14.23
CA ALA D 27 -16.50 24.25 14.44
C ALA D 27 -16.00 25.69 14.71
N CYS D 28 -16.81 26.67 14.32
CA CYS D 28 -16.48 28.07 14.56
C CYS D 28 -17.66 28.86 15.10
N SER D 29 -17.60 29.21 16.37
CA SER D 29 -18.66 29.96 16.98
C SER D 29 -18.41 31.47 16.99
N VAL D 30 -19.49 32.24 16.94
CA VAL D 30 -19.43 33.70 16.92
C VAL D 30 -20.55 34.28 17.79
N THR D 31 -20.24 35.29 18.60
CA THR D 31 -21.28 35.96 19.37
C THR D 31 -21.83 37.13 18.56
N GLY D 32 -23.16 37.18 18.44
CA GLY D 32 -23.81 38.03 17.47
C GLY D 32 -23.52 39.52 17.59
N GLY D 33 -23.34 40.15 16.43
CA GLY D 33 -23.16 41.58 16.35
C GLY D 33 -24.16 42.18 15.37
N ASN D 34 -24.08 43.50 15.19
CA ASN D 34 -24.97 44.18 14.26
C ASN D 34 -24.19 44.94 13.18
N PRO D 35 -24.41 44.60 11.90
CA PRO D 35 -25.29 43.54 11.41
C PRO D 35 -24.66 42.15 11.58
N PRO D 36 -25.50 41.09 11.61
CA PRO D 36 -25.02 39.71 11.69
C PRO D 36 -24.01 39.40 10.58
N PRO D 37 -22.78 39.02 10.97
CA PRO D 37 -21.68 38.82 10.02
C PRO D 37 -21.77 37.47 9.33
N ASP D 38 -21.14 37.32 8.16
CA ASP D 38 -21.07 36.00 7.51
C ASP D 38 -19.82 35.24 7.96
N VAL D 39 -19.94 33.93 8.15
CA VAL D 39 -18.83 33.11 8.64
C VAL D 39 -18.36 32.02 7.67
N PHE D 40 -17.09 32.07 7.30
CA PHE D 40 -16.48 31.10 6.37
C PHE D 40 -15.20 30.48 6.93
N TRP D 41 -14.95 29.23 6.58
CA TRP D 41 -13.69 28.56 6.91
C TRP D 41 -12.62 28.77 5.84
N TYR D 42 -11.37 28.89 6.24
CA TYR D 42 -10.29 29.15 5.29
C TYR D 42 -9.09 28.23 5.45
N HIS D 43 -8.88 27.36 4.46
CA HIS D 43 -7.69 26.50 4.45
C HIS D 43 -6.63 27.05 3.51
N GLU D 44 -5.46 27.34 4.06
CA GLU D 44 -4.34 27.89 3.31
C GLU D 44 -4.72 29.16 2.56
N ASN D 45 -5.41 30.06 3.28
CA ASN D 45 -5.84 31.34 2.73
C ASN D 45 -6.74 31.21 1.50
N LYS D 46 -7.62 30.22 1.53
CA LYS D 46 -8.57 29.98 0.45
C LYS D 46 -9.98 29.68 0.98
N ARG D 47 -10.97 30.39 0.46
CA ARG D 47 -12.37 30.25 0.90
C ARG D 47 -12.89 28.82 0.73
N LEU D 48 -13.13 28.12 1.85
CA LEU D 48 -13.65 26.75 1.78
C LEU D 48 -15.15 26.74 1.43
N GLN D 49 -15.57 25.72 0.69
CA GLN D 49 -16.97 25.54 0.33
C GLN D 49 -17.74 24.85 1.46
N SER D 50 -18.33 25.64 2.34
CA SER D 50 -19.11 25.11 3.46
C SER D 50 -20.24 26.05 3.87
N HIS D 51 -21.35 25.47 4.31
CA HIS D 51 -22.51 26.24 4.76
C HIS D 51 -22.37 26.73 6.20
N SER D 52 -22.94 27.90 6.49
CA SER D 52 -22.97 28.42 7.85
C SER D 52 -24.41 28.52 8.34
N THR D 53 -24.68 28.04 9.56
CA THR D 53 -26.04 28.02 10.06
C THR D 53 -26.17 28.83 11.35
N LEU D 54 -27.25 29.62 11.43
CA LEU D 54 -27.49 30.51 12.57
C LEU D 54 -28.67 30.09 13.45
N ASP D 55 -28.44 29.97 14.75
CA ASP D 55 -29.54 29.75 15.69
C ASP D 55 -30.12 31.13 16.05
N THR D 56 -31.43 31.26 16.03
CA THR D 56 -32.07 32.54 16.29
C THR D 56 -32.07 32.96 17.77
N ARG D 57 -32.40 32.04 18.67
CA ARG D 57 -32.49 32.32 20.10
C ARG D 57 -31.13 32.71 20.71
N SER D 58 -30.13 31.88 20.42
CA SER D 58 -28.79 32.04 20.99
C SER D 58 -28.07 33.28 20.45
N LYS D 59 -28.40 33.65 19.22
CA LYS D 59 -27.84 34.76 18.44
C LYS D 59 -26.37 34.53 18.08
N GLU D 60 -25.94 33.27 18.15
CA GLU D 60 -24.58 32.89 17.79
C GLU D 60 -24.49 32.13 16.46
N ILE D 61 -23.59 32.57 15.59
CA ILE D 61 -23.38 31.91 14.29
C ILE D 61 -22.38 30.77 14.39
N LYS D 62 -22.80 29.56 14.01
CA LYS D 62 -21.88 28.43 14.13
C LYS D 62 -21.62 27.90 12.70
N ASN D 63 -20.37 27.52 12.43
CA ASN D 63 -20.03 26.95 11.13
C ASN D 63 -19.29 25.63 11.33
N ILE D 64 -19.93 24.54 10.91
CA ILE D 64 -19.40 23.20 11.11
C ILE D 64 -18.85 22.61 9.82
N TYR D 65 -17.57 22.27 9.83
CA TYR D 65 -16.88 21.72 8.67
C TYR D 65 -16.42 20.30 8.94
N SER D 66 -16.88 19.37 8.10
CA SER D 66 -16.50 17.98 8.23
C SER D 66 -15.63 17.56 7.05
N PHE D 67 -14.52 16.89 7.35
CA PHE D 67 -13.60 16.41 6.33
C PHE D 67 -12.82 15.20 6.83
N ILE D 68 -12.29 14.41 5.89
CA ILE D 68 -11.43 13.31 6.26
C ILE D 68 -9.99 13.82 6.29
N ALA D 69 -9.27 13.49 7.37
CA ALA D 69 -7.91 14.00 7.58
C ALA D 69 -6.92 13.50 6.51
N SER D 70 -5.85 14.25 6.28
CA SER D 70 -4.87 13.88 5.26
C SER D 70 -3.44 14.14 5.74
N GLN D 71 -2.53 13.28 5.31
CA GLN D 71 -1.13 13.49 5.62
C GLN D 71 -0.61 14.71 4.85
N ASN D 72 -1.06 14.86 3.61
CA ASN D 72 -0.60 15.93 2.71
C ASN D 72 -0.81 17.31 3.29
N ASP D 73 -1.90 17.47 4.03
CA ASP D 73 -2.15 18.69 4.75
C ASP D 73 -2.36 18.35 6.21
N ASN D 74 -3.21 19.14 6.86
CA ASN D 74 -3.70 18.84 8.19
C ASN D 74 -2.60 18.83 9.26
N MET D 75 -1.38 19.15 8.84
CA MET D 75 -0.34 19.52 9.77
C MET D 75 -0.29 21.04 9.76
N ALA D 76 -1.24 21.63 9.03
CA ALA D 76 -1.31 23.07 8.82
C ALA D 76 -2.54 23.66 9.50
N GLU D 77 -2.78 24.95 9.28
CA GLU D 77 -3.80 25.69 10.03
C GLU D 77 -5.13 25.92 9.28
N TYR D 78 -6.22 25.88 10.06
CA TYR D 78 -7.56 26.18 9.56
C TYR D 78 -8.10 27.40 10.28
N GLU D 79 -8.31 28.49 9.56
CA GLU D 79 -8.77 29.71 10.20
C GLU D 79 -10.20 30.06 9.78
N CYS D 80 -10.92 30.72 10.68
CA CYS D 80 -12.31 31.13 10.48
C CYS D 80 -12.42 32.65 10.31
N ARG D 81 -13.33 33.10 9.47
CA ARG D 81 -13.45 34.54 9.21
C ARG D 81 -14.88 35.09 9.33
N ALA D 82 -14.99 36.31 9.86
CA ALA D 82 -16.26 37.04 9.93
C ALA D 82 -16.20 38.30 9.06
N ASN D 83 -17.29 38.57 8.33
CA ASN D 83 -17.27 39.64 7.34
C ASN D 83 -18.28 40.76 7.63
N ASN D 84 -17.80 41.99 7.54
CA ASN D 84 -18.63 43.19 7.65
C ASN D 84 -18.16 44.18 6.58
N SER D 85 -18.54 43.88 5.34
CA SER D 85 -18.12 44.63 4.15
C SER D 85 -16.61 44.66 3.97
N ARG D 86 -16.10 45.77 3.46
CA ARG D 86 -14.67 45.97 3.26
C ARG D 86 -13.96 46.31 4.56
N PRO D 90 -11.51 42.22 9.26
CA PRO D 90 -12.23 40.96 9.49
C PRO D 90 -11.69 40.17 10.69
N LYS D 91 -12.55 39.90 11.67
CA LYS D 91 -12.17 39.16 12.86
C LYS D 91 -11.89 37.70 12.52
N ARG D 92 -10.71 37.22 12.91
CA ARG D 92 -10.28 35.86 12.57
C ARG D 92 -9.66 35.09 13.73
N LYS D 93 -9.76 33.76 13.69
CA LYS D 93 -9.20 32.88 14.70
C LYS D 93 -8.71 31.56 14.10
N ALA D 94 -7.39 31.34 14.14
CA ALA D 94 -6.78 30.18 13.48
C ALA D 94 -6.65 28.96 14.39
N MET D 95 -6.20 27.85 13.80
CA MET D 95 -6.07 26.58 14.50
C MET D 95 -5.15 25.60 13.76
N LYS D 96 -3.95 25.36 14.29
CA LYS D 96 -3.01 24.42 13.67
C LYS D 96 -3.33 23.00 14.10
N LEU D 97 -3.44 22.10 13.13
CA LEU D 97 -3.79 20.73 13.45
C LEU D 97 -2.58 19.83 13.47
N GLU D 98 -2.68 18.74 14.22
CA GLU D 98 -1.64 17.74 14.28
C GLU D 98 -2.23 16.39 13.93
N VAL D 99 -1.80 15.81 12.82
CA VAL D 99 -2.35 14.52 12.40
C VAL D 99 -1.25 13.49 12.28
N ASN D 100 -1.42 12.39 13.03
CA ASN D 100 -0.49 11.27 13.00
C ASN D 100 -0.73 10.37 11.79
N TYR D 101 0.37 9.94 11.17
CA TYR D 101 0.30 9.07 10.02
C TYR D 101 1.62 8.35 9.83
N PRO D 102 1.55 7.09 9.36
CA PRO D 102 2.72 6.23 9.18
C PRO D 102 3.57 6.62 7.97
N PRO D 103 4.85 6.23 7.96
CA PRO D 103 5.74 6.44 6.82
C PRO D 103 5.28 5.59 5.64
N ALA D 104 5.12 6.22 4.48
CA ALA D 104 4.63 5.52 3.30
C ALA D 104 5.56 4.39 2.89
N SER D 105 6.82 4.75 2.69
CA SER D 105 7.86 3.79 2.32
C SER D 105 9.21 4.31 2.79
N VAL D 106 10.26 3.59 2.41
CA VAL D 106 11.62 4.00 2.71
C VAL D 106 12.48 3.96 1.45
N GLU D 107 13.60 4.68 1.47
CA GLU D 107 14.50 4.73 0.32
C GLU D 107 15.93 4.43 0.74
N LEU D 108 16.57 3.47 0.11
CA LEU D 108 17.96 3.16 0.44
C LEU D 108 18.91 3.79 -0.56
N PHE D 109 20.10 4.17 -0.10
CA PHE D 109 21.11 4.74 -1.00
C PHE D 109 22.46 4.09 -0.74
N GLY D 110 23.11 3.65 -1.82
CA GLY D 110 24.42 3.03 -1.70
C GLY D 110 24.76 2.19 -2.90
N GLU D 111 26.00 1.70 -2.95
CA GLU D 111 26.47 0.87 -4.07
C GLU D 111 25.76 -0.48 -4.12
N SER D 112 25.63 -1.03 -5.32
CA SER D 112 25.04 -2.36 -5.50
C SER D 112 26.12 -3.43 -5.67
N ASN D 113 27.33 -2.98 -5.98
CA ASN D 113 28.46 -3.89 -6.18
C ASN D 113 29.71 -3.42 -5.46
N ILE D 114 30.29 -4.30 -4.66
CA ILE D 114 31.55 -3.98 -4.00
C ILE D 114 32.57 -5.09 -4.20
N ARG D 115 33.83 -4.68 -4.31
CA ARG D 115 34.92 -5.63 -4.43
C ARG D 115 35.12 -6.26 -3.05
N TYR D 116 35.40 -7.56 -3.01
CA TYR D 116 35.57 -8.22 -1.73
C TYR D 116 36.70 -7.58 -0.94
N GLY D 117 36.48 -7.39 0.36
CA GLY D 117 37.48 -6.75 1.20
C GLY D 117 37.14 -5.30 1.45
N SER D 118 36.59 -4.64 0.44
CA SER D 118 36.18 -3.26 0.53
C SER D 118 34.88 -3.13 1.34
N SER D 119 34.60 -1.94 1.86
CA SER D 119 33.37 -1.70 2.62
C SER D 119 32.44 -0.75 1.87
N ALA D 120 31.15 -0.77 2.21
CA ALA D 120 30.15 0.09 1.58
C ALA D 120 29.31 0.82 2.62
N ASN D 121 28.98 2.08 2.32
CA ASN D 121 28.16 2.87 3.22
C ASN D 121 26.73 3.02 2.69
N ILE D 122 25.78 2.56 3.48
CA ILE D 122 24.38 2.56 3.08
C ILE D 122 23.55 3.56 3.86
N GLN D 123 22.83 4.40 3.13
CA GLN D 123 21.93 5.40 3.72
C GLN D 123 20.48 4.96 3.58
N CYS D 124 19.64 5.35 4.54
CA CYS D 124 18.20 5.09 4.45
C CYS D 124 17.39 6.26 5.00
N LYS D 125 16.66 6.91 4.11
CA LYS D 125 15.73 7.97 4.49
C LYS D 125 14.31 7.47 4.37
N SER D 126 13.49 7.81 5.37
CA SER D 126 12.07 7.45 5.36
C SER D 126 11.26 8.58 4.74
N LEU D 127 10.12 8.24 4.15
CA LEU D 127 9.19 9.26 3.71
C LEU D 127 8.60 9.92 4.95
N PRO D 128 8.18 11.20 4.85
CA PRO D 128 7.68 11.98 5.99
C PRO D 128 6.62 11.23 6.78
N SER D 129 6.71 11.34 8.10
CA SER D 129 5.74 10.70 8.98
C SER D 129 5.54 11.53 10.25
N ASN D 130 4.48 11.22 10.98
CA ASN D 130 4.23 11.87 12.25
C ASN D 130 3.63 10.87 13.22
N PRO D 131 4.27 10.69 14.38
CA PRO D 131 5.54 11.34 14.70
C PRO D 131 6.74 10.75 13.96
N ALA D 132 7.93 11.05 14.46
CA ALA D 132 9.17 10.60 13.81
C ALA D 132 9.19 9.07 13.78
N SER D 133 9.64 8.49 12.68
CA SER D 133 9.67 7.04 12.59
C SER D 133 11.04 6.55 13.00
N GLN D 134 11.10 5.39 13.64
CA GLN D 134 12.37 4.83 14.05
C GLN D 134 12.92 3.82 13.03
N ILE D 135 14.08 4.15 12.45
CA ILE D 135 14.76 3.28 11.48
C ILE D 135 15.59 2.15 12.16
N THR D 136 15.42 0.93 11.68
CA THR D 136 16.18 -0.22 12.15
C THR D 136 16.82 -0.94 10.96
N TRP D 137 17.94 -1.63 11.16
CA TRP D 137 18.61 -2.29 10.03
C TRP D 137 18.70 -3.78 10.19
N ILE D 138 18.59 -4.48 9.07
CA ILE D 138 18.74 -5.93 9.08
C ILE D 138 19.70 -6.39 7.98
N ILE D 139 20.84 -6.92 8.40
CA ILE D 139 21.87 -7.37 7.47
C ILE D 139 22.01 -8.89 7.49
N ASN D 140 21.76 -9.51 6.34
CA ASN D 140 21.77 -10.96 6.22
C ASN D 140 20.89 -11.60 7.30
N GLY D 141 19.74 -10.99 7.54
CA GLY D 141 18.74 -11.58 8.41
C GLY D 141 19.10 -11.45 9.87
N ARG D 142 20.09 -10.62 10.14
CA ARG D 142 20.59 -10.46 11.49
C ARG D 142 20.46 -8.98 11.80
N SER D 143 19.77 -8.63 12.88
CA SER D 143 19.62 -7.20 13.23
C SER D 143 20.95 -6.64 13.71
N VAL D 144 21.24 -5.42 13.29
CA VAL D 144 22.45 -4.75 13.73
C VAL D 144 22.09 -3.58 14.62
N PRO D 145 22.97 -3.23 15.56
CA PRO D 145 22.70 -2.06 16.42
C PRO D 145 22.55 -0.85 15.52
N THR D 146 21.44 -0.14 15.67
CA THR D 146 21.20 1.01 14.82
C THR D 146 22.10 2.16 15.23
N PRO D 147 22.93 2.65 14.30
CA PRO D 147 23.77 3.83 14.54
C PRO D 147 22.85 5.03 14.72
N THR D 148 23.30 6.09 15.37
CA THR D 148 22.45 7.25 15.62
C THR D 148 21.88 7.84 14.34
N GLN D 149 20.63 8.30 14.41
CA GLN D 149 19.90 8.77 13.23
C GLN D 149 19.58 10.26 13.28
N ARG D 150 19.44 10.85 12.10
CA ARG D 150 19.10 12.27 11.95
C ARG D 150 17.64 12.44 11.57
N GLU D 151 16.94 13.31 12.28
CA GLU D 151 15.55 13.61 11.95
C GLU D 151 15.44 14.97 11.29
N PHE D 152 14.69 15.05 10.20
CA PHE D 152 14.51 16.30 9.50
C PHE D 152 13.03 16.67 9.53
N VAL D 153 12.73 17.96 9.66
CA VAL D 153 11.34 18.39 9.67
C VAL D 153 10.93 18.99 8.35
N VAL D 154 9.87 18.44 7.76
CA VAL D 154 9.39 18.88 6.47
C VAL D 154 8.03 19.53 6.69
N GLU D 155 7.40 20.00 5.61
CA GLU D 155 6.18 20.79 5.75
C GLU D 155 5.02 20.07 6.44
N ASN D 156 4.85 18.78 6.19
CA ASN D 156 3.74 18.06 6.78
C ASN D 156 4.13 16.76 7.46
N GLY D 157 5.31 16.74 8.07
CA GLY D 157 5.77 15.55 8.77
C GLY D 157 7.24 15.56 9.09
N ILE D 158 7.76 14.40 9.49
CA ILE D 158 9.17 14.29 9.87
C ILE D 158 9.88 13.16 9.13
N VAL D 159 11.09 13.46 8.66
CA VAL D 159 11.90 12.52 7.92
C VAL D 159 13.07 12.04 8.75
N SER D 160 13.18 10.72 8.92
CA SER D 160 14.32 10.15 9.62
C SER D 160 15.34 9.64 8.60
N SER D 161 16.62 9.68 8.98
CA SER D 161 17.70 9.30 8.07
C SER D 161 18.82 8.60 8.86
N SER D 162 19.35 7.52 8.31
CA SER D 162 20.38 6.76 9.00
C SER D 162 21.42 6.16 8.06
N ASN D 163 22.68 6.19 8.49
CA ASN D 163 23.74 5.53 7.74
C ASN D 163 24.30 4.35 8.52
N VAL D 164 24.52 3.28 7.78
CA VAL D 164 25.13 2.07 8.31
C VAL D 164 26.26 1.66 7.37
N SER D 165 27.28 1.03 7.94
CA SER D 165 28.44 0.61 7.16
C SER D 165 28.53 -0.91 7.13
N VAL D 166 28.68 -1.46 5.93
CA VAL D 166 28.84 -2.89 5.75
C VAL D 166 30.26 -3.25 5.31
N HIS D 167 30.89 -4.14 6.05
CA HIS D 167 32.25 -4.56 5.70
C HIS D 167 32.23 -6.02 5.24
N SER D 168 32.71 -6.25 4.03
CA SER D 168 32.69 -7.59 3.46
C SER D 168 33.79 -8.47 4.07
N ASN D 169 34.59 -7.89 4.96
CA ASN D 169 35.63 -8.62 5.65
C ASN D 169 35.05 -9.68 6.58
N GLU D 170 33.91 -9.36 7.18
CA GLU D 170 33.21 -10.29 8.08
C GLU D 170 32.60 -11.45 7.30
N LEU D 171 32.22 -11.18 6.06
CA LEU D 171 31.65 -12.21 5.19
C LEU D 171 32.71 -13.13 4.65
N SER D 172 32.29 -14.33 4.23
CA SER D 172 33.21 -15.29 3.65
C SER D 172 33.65 -14.83 2.25
N VAL D 173 34.72 -15.41 1.75
CA VAL D 173 35.21 -15.03 0.42
C VAL D 173 34.31 -15.64 -0.66
N GLU D 174 33.56 -16.68 -0.28
CA GLU D 174 32.63 -17.31 -1.19
C GLU D 174 31.20 -16.80 -1.00
N ALA D 175 31.10 -15.56 -0.52
CA ALA D 175 29.82 -14.89 -0.33
C ALA D 175 29.51 -14.02 -1.54
N HIS D 176 28.44 -14.34 -2.25
CA HIS D 176 28.09 -13.67 -3.50
C HIS D 176 27.38 -12.32 -3.29
N GLN D 177 26.49 -12.24 -2.30
CA GLN D 177 25.79 -10.98 -2.07
C GLN D 177 25.44 -10.71 -0.60
N ILE D 178 25.13 -9.45 -0.29
CA ILE D 178 24.78 -9.04 1.07
C ILE D 178 23.35 -8.49 1.09
N ASN D 179 22.47 -9.11 1.86
CA ASN D 179 21.09 -8.66 1.96
C ASN D 179 20.97 -7.53 2.97
N VAL D 180 20.60 -6.33 2.49
CA VAL D 180 20.45 -5.17 3.38
C VAL D 180 19.02 -4.66 3.50
N GLU D 181 18.41 -4.80 4.67
CA GLU D 181 17.02 -4.33 4.84
C GLU D 181 16.91 -3.18 5.82
N CYS D 182 16.24 -2.12 5.38
CA CYS D 182 15.98 -0.96 6.21
C CYS D 182 14.51 -1.00 6.61
N MET D 183 14.18 -0.49 7.79
CA MET D 183 12.78 -0.53 8.20
C MET D 183 12.39 0.67 9.05
N ALA D 184 11.38 1.41 8.61
CA ALA D 184 10.90 2.56 9.36
C ALA D 184 9.60 2.26 10.09
N THR D 185 9.52 2.75 11.33
CA THR D 185 8.40 2.45 12.21
C THR D 185 7.99 3.59 13.12
N ASN D 186 6.69 3.92 13.10
CA ASN D 186 6.11 4.82 14.10
C ASN D 186 4.87 4.15 14.65
N PRO D 187 4.25 4.73 15.70
CA PRO D 187 3.06 4.08 16.26
C PRO D 187 1.93 3.82 15.27
N GLU D 188 1.92 4.50 14.13
CA GLU D 188 0.83 4.33 13.18
C GLU D 188 0.96 3.09 12.30
N GLY D 189 2.13 2.92 11.67
CA GLY D 189 2.38 1.75 10.86
C GLY D 189 3.86 1.58 10.59
N SER D 190 4.21 0.81 9.57
CA SER D 190 5.61 0.64 9.21
C SER D 190 5.79 0.35 7.73
N SER D 191 7.02 0.51 7.25
CA SER D 191 7.35 0.22 5.86
C SER D 191 8.82 -0.17 5.72
N ALA D 192 9.09 -1.17 4.87
CA ALA D 192 10.45 -1.67 4.66
C ALA D 192 10.84 -1.75 3.19
N LYS D 193 12.14 -1.83 2.93
CA LYS D 193 12.67 -1.98 1.59
C LYS D 193 14.02 -2.70 1.62
N GLN D 194 14.30 -3.53 0.62
CA GLN D 194 15.52 -4.34 0.63
C GLN D 194 16.45 -4.01 -0.53
N HIS D 195 17.69 -3.69 -0.19
CA HIS D 195 18.72 -3.44 -1.18
C HIS D 195 19.69 -4.61 -1.18
N VAL D 196 19.98 -5.16 -2.36
CA VAL D 196 20.90 -6.30 -2.44
C VAL D 196 22.25 -5.82 -2.97
N ILE D 197 23.30 -6.08 -2.21
CA ILE D 197 24.64 -5.72 -2.66
C ILE D 197 25.37 -6.95 -3.14
N LYS D 198 25.79 -6.95 -4.40
CA LYS D 198 26.52 -8.10 -4.92
C LYS D 198 28.01 -7.93 -4.64
N ILE D 199 28.68 -9.05 -4.42
CA ILE D 199 30.12 -9.06 -4.14
C ILE D 199 30.91 -9.64 -5.29
N ILE D 200 31.79 -8.83 -5.87
CA ILE D 200 32.61 -9.29 -6.99
C ILE D 200 34.02 -9.63 -6.50
N ALA D 201 34.69 -10.52 -7.22
CA ALA D 201 36.02 -10.99 -6.82
C ALA D 201 37.10 -9.94 -7.08
C1 NAG E . -4.09 5.54 24.61
C2 NAG E . -2.57 5.64 24.64
C3 NAG E . -2.05 5.15 25.98
C4 NAG E . -2.75 5.87 27.13
C5 NAG E . -4.26 5.81 26.95
C6 NAG E . -5.01 6.65 27.98
C7 NAG E . -1.72 5.39 22.32
C8 NAG E . -1.09 4.44 21.35
N2 NAG E . -1.97 4.88 23.54
O3 NAG E . -0.63 5.37 26.06
O4 NAG E . -2.41 5.24 28.36
O5 NAG E . -4.64 6.32 25.67
O6 NAG E . -6.38 6.78 27.65
O7 NAG E . -2.00 6.54 22.04
C1 NAG F . -15.53 -12.10 43.67
C2 NAG F . -14.18 -12.51 43.01
C3 NAG F . -13.07 -12.65 44.05
C4 NAG F . -12.99 -11.42 44.93
C5 NAG F . -14.32 -11.24 45.62
C6 NAG F . -14.39 -10.01 46.49
C7 NAG F . -14.58 -13.81 40.96
C8 NAG F . -14.69 -15.19 40.37
N2 NAG F . -14.34 -13.75 42.27
O3 NAG F . -11.83 -12.84 43.37
O4 NAG F . -11.96 -11.58 45.91
O5 NAG F . -15.32 -11.05 44.62
O6 NAG F . -15.47 -9.17 46.13
O7 NAG F . -14.70 -12.81 40.27
C1 NAG G . -21.41 -16.90 -9.58
C2 NAG G . -22.92 -16.98 -9.29
C3 NAG G . -23.21 -18.07 -8.26
C4 NAG G . -22.61 -19.40 -8.73
C5 NAG G . -21.12 -19.22 -9.01
C6 NAG G . -20.46 -20.47 -9.55
C7 NAG G . -23.82 -14.72 -9.66
C8 NAG G . -24.32 -13.46 -9.01
N2 NAG G . -23.43 -15.70 -8.82
O3 NAG G . -24.62 -18.20 -8.08
O4 NAG G . -22.79 -20.40 -7.73
O5 NAG G . -20.93 -18.19 -10.00
O6 NAG G . -19.06 -20.45 -9.33
O7 NAG G . -23.77 -14.85 -10.88
C1 NAG H . 22.19 -5.29 -12.00
C2 NAG H . 22.81 -4.87 -10.67
C3 NAG H . 24.32 -5.05 -10.71
C4 NAG H . 24.69 -6.45 -11.16
C5 NAG H . 24.00 -6.78 -12.48
C6 NAG H . 24.23 -8.19 -12.95
C7 NAG H . 21.65 -3.13 -9.38
C8 NAG H . 21.44 -1.65 -9.20
N2 NAG H . 22.48 -3.48 -10.37
O3 NAG H . 24.85 -4.80 -9.41
O4 NAG H . 26.11 -6.55 -11.34
O5 NAG H . 22.59 -6.62 -12.30
O6 NAG H . 23.07 -8.72 -13.59
O7 NAG H . 21.09 -3.95 -8.68
C1 NAG I . -19.01 12.42 9.88
C2 NAG I . -19.43 12.61 8.42
C3 NAG I . -20.79 13.31 8.34
C4 NAG I . -21.82 12.57 9.19
C5 NAG I . -21.30 12.42 10.62
C6 NAG I . -22.23 11.62 11.50
C7 NAG I . -17.64 12.80 6.74
C8 NAG I . -17.83 11.32 6.51
N2 NAG I . -18.42 13.35 7.67
O3 NAG I . -21.20 13.38 6.99
O4 NAG I . -23.05 13.28 9.20
O5 NAG I . -20.05 11.73 10.59
O6 NAG I . -21.59 11.21 12.70
O7 NAG I . -16.80 13.46 6.13
C1 NAG J . 25.45 8.55 4.22
C2 NAG J . 26.53 9.66 4.19
C3 NAG J . 26.66 10.28 2.79
C4 NAG J . 26.77 9.21 1.71
C5 NAG J . 25.58 8.28 1.82
C6 NAG J . 25.60 7.18 0.77
C7 NAG J . 27.08 11.50 5.72
C8 NAG J . 26.53 12.53 6.67
N2 NAG J . 26.18 10.70 5.16
O3 NAG J . 27.82 11.10 2.76
O4 NAG J . 26.78 9.80 0.41
O5 NAG J . 25.63 7.65 3.11
O6 NAG J . 24.52 6.27 0.94
O7 NAG J . 28.28 11.42 5.48
#